data_6OD8
#
_entry.id   6OD8
#
_cell.length_a   61.010
_cell.length_b   142.360
_cell.length_c   68.280
_cell.angle_alpha   90.000
_cell.angle_beta   97.200
_cell.angle_gamma   90.000
#
_symmetry.space_group_name_H-M   'P 1 21 1'
#
loop_
_entity.id
_entity.type
_entity.pdbx_description
1 polymer 'Putative aspartyl-tRNA synthetase'
2 non-polymer 1,2-ETHANEDIOL
3 non-polymer 'FORMIC ACID'
4 water water
#
_entity_poly.entity_id   1
_entity_poly.type   'polypeptide(L)'
_entity_poly.pdbx_seq_one_letter_code
;MAHHHHHHMSANHADAGAPAVAKKMSDKEARKAARLAEEKARADEKAALVEKYKAVFGAAPMVQSTTYKSRTHIPVSELS
RPELVDKTVLIRARVSTTRKKGKMAFMVLRDGSDSVQAMAAVEGDVPKEMIDFMGQIATESIVDVEATVCKVEQPITSTS
HSDIELKVKKIHTVTESLRTLPFTLEDASRKESAEGAKVNLDTRLNSRWMDLRTLASGAIFRLQSRVCQYFRQFLIDKDF
CEIHSPKIINAPSEGGANVFKLEYFNRFAYLAQSPQLYKQMVLQGDVPRVFEVGPVFRSENSNTHRHLTEFVGLDVEMRI
DEHYYEVLDVAESLFNYIFERLATHTKELKNVCQQYPFEPLVWKLTPERIKELGVGVISEGVVPTDKFQARVHNMDSRML
RINYMHCIELLNTVLDEKMAPTDDINTTNEKLLGKLVKERYGTDFFISDRFPSSARPFYTMECKDDVRFTNSYDMFIRGE
EISSGAQRIHDPDLLLARAKMLNVDLTPIKEYVDSFRLGAWPHGGFGIGLERVVMLYLGLSNVRLASLFPRDPQRTTP
;
_entity_poly.pdbx_strand_id   A,B
#
loop_
_chem_comp.id
_chem_comp.type
_chem_comp.name
_chem_comp.formula
EDO non-polymer 1,2-ETHANEDIOL 'C2 H6 O2'
FMT non-polymer 'FORMIC ACID' 'C H2 O2'
#
# COMPACT_ATOMS: atom_id res chain seq x y z
N ALA A 47 55.43 17.85 -5.72
CA ALA A 47 54.47 16.97 -6.37
C ALA A 47 54.14 15.78 -5.48
N ALA A 48 55.18 15.23 -4.84
CA ALA A 48 54.99 14.14 -3.89
C ALA A 48 54.30 14.61 -2.61
N LEU A 49 54.38 15.91 -2.30
CA LEU A 49 53.64 16.44 -1.15
C LEU A 49 52.15 16.53 -1.46
N VAL A 50 51.82 16.93 -2.69
CA VAL A 50 50.42 16.97 -3.10
C VAL A 50 49.82 15.58 -3.11
N GLU A 51 50.62 14.56 -3.43
CA GLU A 51 50.09 13.21 -3.40
C GLU A 51 49.83 12.75 -1.97
N LYS A 52 50.71 13.14 -1.02
CA LYS A 52 50.45 12.82 0.38
C LYS A 52 49.13 13.42 0.84
N TYR A 53 48.88 14.68 0.49
CA TYR A 53 47.66 15.35 0.95
C TYR A 53 46.41 14.73 0.36
N LYS A 54 46.52 14.12 -0.82
CA LYS A 54 45.36 13.51 -1.47
C LYS A 54 44.73 12.42 -0.59
N ALA A 55 45.54 11.73 0.21
CA ALA A 55 44.98 10.73 1.12
C ALA A 55 44.20 11.38 2.27
N VAL A 56 44.46 12.65 2.56
CA VAL A 56 43.91 13.31 3.73
C VAL A 56 42.63 14.08 3.41
N PHE A 57 42.61 14.77 2.28
CA PHE A 57 41.46 15.61 1.92
C PHE A 57 41.41 15.74 0.40
N GLY A 58 40.22 16.05 -0.10
CA GLY A 58 40.03 16.22 -1.53
C GLY A 58 38.76 15.58 -2.02
N ALA A 59 38.70 15.20 -3.30
CA ALA A 59 37.51 14.57 -3.85
C ALA A 59 37.75 13.06 -3.89
N ALA A 60 36.87 12.29 -3.27
CA ALA A 60 37.01 10.84 -3.32
C ALA A 60 36.62 10.33 -4.70
N PRO A 61 37.16 9.18 -5.12
CA PRO A 61 36.65 8.52 -6.34
C PRO A 61 35.16 8.27 -6.21
N MET A 62 34.47 8.36 -7.34
CA MET A 62 33.03 8.12 -7.36
C MET A 62 32.74 6.71 -6.85
N VAL A 63 31.69 6.59 -6.03
CA VAL A 63 31.29 5.29 -5.53
C VAL A 63 30.73 4.49 -6.71
N GLN A 64 31.38 3.34 -7.01
CA GLN A 64 31.03 2.62 -8.23
C GLN A 64 31.11 1.10 -8.04
N SER A 65 30.83 0.60 -6.83
CA SER A 65 30.74 -0.85 -6.59
C SER A 65 32.06 -1.55 -6.93
N THR A 66 33.16 -0.97 -6.46
CA THR A 66 34.47 -1.61 -6.58
C THR A 66 34.92 -2.27 -5.29
N THR A 67 34.28 -1.98 -4.16
CA THR A 67 34.56 -2.62 -2.88
C THR A 67 33.24 -3.01 -2.24
N TYR A 68 33.26 -4.02 -1.38
CA TYR A 68 32.06 -4.44 -0.68
C TYR A 68 32.41 -4.66 0.79
N LYS A 69 31.70 -3.96 1.69
CA LYS A 69 31.91 -4.10 3.13
C LYS A 69 33.38 -3.88 3.51
N SER A 70 34.03 -2.95 2.84
CA SER A 70 35.44 -2.74 3.12
C SER A 70 35.68 -1.75 4.25
N ARG A 71 34.68 -0.93 4.59
CA ARG A 71 34.77 0.03 5.68
C ARG A 71 33.46 0.05 6.45
N THR A 72 33.54 0.46 7.70
CA THR A 72 32.34 0.59 8.54
C THR A 72 31.94 2.07 8.57
N HIS A 73 30.79 2.37 7.95
CA HIS A 73 30.26 3.73 7.90
CA HIS A 73 30.25 3.73 7.90
C HIS A 73 29.26 3.91 9.05
N ILE A 74 29.57 4.82 9.97
CA ILE A 74 28.71 5.10 11.12
C ILE A 74 27.71 6.18 10.72
N PRO A 75 26.41 5.95 10.84
CA PRO A 75 25.44 7.03 10.57
C PRO A 75 25.49 8.11 11.64
N VAL A 76 25.20 9.34 11.22
CA VAL A 76 25.21 10.47 12.15
C VAL A 76 24.29 10.21 13.33
N SER A 77 23.21 9.44 13.13
CA SER A 77 22.24 9.20 14.20
C SER A 77 22.86 8.47 15.38
N GLU A 78 23.93 7.71 15.15
CA GLU A 78 24.54 6.86 16.17
C GLU A 78 25.64 7.55 16.97
N LEU A 79 25.98 8.81 16.66
CA LEU A 79 27.20 9.43 17.17
C LEU A 79 27.17 9.73 18.66
N SER A 80 26.01 9.66 19.30
CA SER A 80 25.97 9.91 20.74
C SER A 80 26.05 8.62 21.56
N ARG A 81 26.08 7.46 20.91
CA ARG A 81 26.33 6.20 21.61
C ARG A 81 27.59 6.32 22.45
N PRO A 82 27.55 5.96 23.74
CA PRO A 82 28.71 6.18 24.61
C PRO A 82 29.95 5.41 24.19
N GLU A 83 29.81 4.29 23.48
CA GLU A 83 30.98 3.53 23.06
C GLU A 83 31.68 4.13 21.84
N LEU A 84 31.22 5.28 21.34
CA LEU A 84 31.93 5.96 20.28
C LEU A 84 32.82 7.09 20.78
N VAL A 85 32.72 7.48 22.06
CA VAL A 85 33.56 8.54 22.58
C VAL A 85 35.03 8.13 22.49
N ASP A 86 35.87 9.08 22.10
CA ASP A 86 37.31 8.90 21.91
C ASP A 86 37.64 7.89 20.81
N LYS A 87 36.66 7.50 20.00
CA LYS A 87 36.95 6.66 18.84
C LYS A 87 36.99 7.55 17.60
N THR A 88 37.86 7.18 16.65
CA THR A 88 37.89 7.83 15.34
C THR A 88 37.03 6.99 14.40
N VAL A 89 36.01 7.61 13.78
CA VAL A 89 35.03 6.88 12.98
C VAL A 89 34.89 7.51 11.60
N LEU A 90 34.24 6.76 10.72
CA LEU A 90 33.97 7.19 9.34
C LEU A 90 32.50 7.51 9.21
N ILE A 91 32.19 8.74 8.84
CA ILE A 91 30.81 9.19 8.71
CA ILE A 91 30.82 9.23 8.72
C ILE A 91 30.63 9.77 7.32
N ARG A 92 29.46 9.51 6.73
CA ARG A 92 29.03 10.17 5.49
C ARG A 92 27.89 11.11 5.83
N ALA A 93 28.03 12.39 5.47
CA ALA A 93 27.05 13.37 5.90
C ALA A 93 26.99 14.54 4.92
N ARG A 94 25.91 15.31 5.05
CA ARG A 94 25.73 16.59 4.38
C ARG A 94 26.48 17.69 5.11
N VAL A 95 27.06 18.61 4.34
CA VAL A 95 27.67 19.81 4.89
C VAL A 95 26.55 20.86 5.01
N SER A 96 26.06 21.10 6.23
CA SER A 96 25.04 22.12 6.41
C SER A 96 25.64 23.52 6.33
N THR A 97 26.70 23.74 7.09
CA THR A 97 27.43 25.00 7.09
C THR A 97 28.92 24.67 7.17
N THR A 98 29.74 25.63 6.75
CA THR A 98 31.17 25.48 6.90
C THR A 98 31.82 26.84 6.80
N ARG A 99 32.83 27.05 7.64
CA ARG A 99 33.52 28.33 7.67
C ARG A 99 34.93 28.11 8.17
N LYS A 100 35.82 29.02 7.78
CA LYS A 100 37.20 29.05 8.20
C LYS A 100 37.41 30.26 9.11
N LYS A 101 38.30 30.12 10.08
CA LYS A 101 38.61 31.22 11.01
C LYS A 101 40.05 31.01 11.50
N GLY A 102 40.99 31.54 10.74
CA GLY A 102 42.40 31.40 11.09
C GLY A 102 42.90 30.01 10.77
N LYS A 103 43.52 29.37 11.77
CA LYS A 103 44.06 28.03 11.62
C LYS A 103 43.04 26.95 11.97
N MET A 104 41.75 27.25 11.88
CA MET A 104 40.72 26.28 12.22
C MET A 104 39.56 26.38 11.25
N ALA A 105 38.89 25.25 11.05
CA ALA A 105 37.67 25.16 10.26
C ALA A 105 36.57 24.55 11.11
N PHE A 106 35.34 25.02 10.89
CA PHE A 106 34.18 24.63 11.69
C PHE A 106 33.03 24.32 10.75
N MET A 107 32.42 23.15 10.93
CA MET A 107 31.34 22.69 10.09
C MET A 107 30.23 22.14 10.96
N VAL A 108 29.03 22.13 10.40
CA VAL A 108 27.92 21.37 10.94
C VAL A 108 27.59 20.32 9.89
N LEU A 109 27.68 19.04 10.28
CA LEU A 109 27.35 17.92 9.44
C LEU A 109 25.98 17.37 9.84
N ARG A 110 25.21 16.95 8.83
CA ARG A 110 23.78 16.66 8.98
C ARG A 110 23.42 15.38 8.24
N ASP A 111 22.49 14.62 8.81
CA ASP A 111 21.79 13.57 8.06
C ASP A 111 20.35 13.57 8.54
N GLY A 112 19.47 14.19 7.75
CA GLY A 112 18.09 14.35 8.18
C GLY A 112 18.03 15.16 9.46
N SER A 113 17.36 14.60 10.48
CA SER A 113 17.16 15.29 11.75
C SER A 113 18.38 15.27 12.68
N ASP A 114 19.44 14.55 12.33
CA ASP A 114 20.62 14.45 13.19
C ASP A 114 21.71 15.37 12.68
N SER A 115 22.30 16.17 13.57
CA SER A 115 23.36 17.10 13.20
C SER A 115 24.43 17.11 14.28
N VAL A 116 25.65 17.45 13.88
CA VAL A 116 26.77 17.47 14.82
C VAL A 116 27.80 18.47 14.32
N GLN A 117 28.48 19.11 15.27
CA GLN A 117 29.54 20.04 14.92
C GLN A 117 30.84 19.28 14.67
N ALA A 118 31.57 19.70 13.63
CA ALA A 118 32.88 19.15 13.31
C ALA A 118 33.87 20.28 13.24
N MET A 119 35.11 20.01 13.64
CA MET A 119 36.14 21.04 13.50
C MET A 119 37.47 20.39 13.20
N ALA A 120 38.38 21.20 12.67
CA ALA A 120 39.76 20.80 12.43
C ALA A 120 40.66 21.96 12.80
N ALA A 121 41.84 21.62 13.31
CA ALA A 121 42.88 22.58 13.64
C ALA A 121 44.18 22.09 13.02
N VAL A 122 45.02 23.04 12.58
CA VAL A 122 46.30 22.67 12.02
C VAL A 122 47.15 22.09 13.15
N GLU A 123 47.38 20.78 13.10
CA GLU A 123 48.12 20.07 14.14
C GLU A 123 48.51 18.71 13.60
N GLY A 124 49.78 18.36 13.75
CA GLY A 124 50.22 17.01 13.41
C GLY A 124 50.06 16.75 11.92
N ASP A 125 49.19 15.79 11.59
CA ASP A 125 49.01 15.39 10.20
C ASP A 125 47.86 16.11 9.52
N VAL A 126 47.31 17.15 10.15
CA VAL A 126 46.30 18.02 9.53
C VAL A 126 47.00 19.31 9.10
N PRO A 127 47.18 19.55 7.81
CA PRO A 127 47.85 20.78 7.35
C PRO A 127 46.85 21.90 7.10
N LYS A 128 47.40 23.12 7.02
CA LYS A 128 46.59 24.30 6.71
C LYS A 128 45.81 24.12 5.42
N GLU A 129 46.34 23.36 4.46
CA GLU A 129 45.63 23.11 3.21
C GLU A 129 44.29 22.44 3.45
N MET A 130 44.18 21.62 4.51
CA MET A 130 42.93 20.92 4.76
C MET A 130 41.90 21.83 5.43
N ILE A 131 42.34 22.73 6.31
CA ILE A 131 41.45 23.74 6.87
C ILE A 131 40.91 24.64 5.77
N ASP A 132 41.78 25.02 4.82
CA ASP A 132 41.32 25.78 3.65
C ASP A 132 40.32 24.99 2.83
N PHE A 133 40.60 23.70 2.62
CA PHE A 133 39.68 22.86 1.85
C PHE A 133 38.31 22.81 2.52
N MET A 134 38.28 22.55 3.83
CA MET A 134 37.01 22.46 4.54
C MET A 134 36.23 23.77 4.43
N GLY A 135 36.91 24.90 4.56
CA GLY A 135 36.23 26.18 4.51
C GLY A 135 35.53 26.46 3.19
N GLN A 136 35.98 25.84 2.10
CA GLN A 136 35.44 26.15 0.78
C GLN A 136 34.51 25.08 0.21
N ILE A 137 34.24 23.99 0.95
CA ILE A 137 33.28 23.00 0.47
C ILE A 137 31.91 23.66 0.32
N ALA A 138 31.23 23.39 -0.79
CA ALA A 138 29.90 23.95 -0.99
C ALA A 138 28.91 23.30 -0.02
N THR A 139 28.04 24.11 0.60
CA THR A 139 27.03 23.51 1.45
C THR A 139 26.14 22.60 0.63
N GLU A 140 25.62 21.57 1.29
CA GLU A 140 24.85 20.44 0.76
C GLU A 140 25.73 19.41 0.05
N SER A 141 27.03 19.64 -0.11
CA SER A 141 27.90 18.56 -0.54
C SER A 141 27.80 17.41 0.45
N ILE A 142 28.05 16.20 -0.01
CA ILE A 142 28.11 15.01 0.84
CA ILE A 142 28.12 15.04 0.87
C ILE A 142 29.58 14.66 1.02
N VAL A 143 30.01 14.49 2.28
CA VAL A 143 31.42 14.24 2.58
C VAL A 143 31.57 12.94 3.34
N ASP A 144 32.71 12.27 3.15
CA ASP A 144 33.16 11.20 4.03
C ASP A 144 34.20 11.81 4.96
N VAL A 145 33.96 11.77 6.25
CA VAL A 145 34.86 12.34 7.24
CA VAL A 145 34.88 12.34 7.23
C VAL A 145 35.36 11.23 8.15
N GLU A 146 36.66 11.19 8.39
CA GLU A 146 37.25 10.41 9.47
CA GLU A 146 37.26 10.41 9.46
C GLU A 146 37.49 11.37 10.63
N ALA A 147 36.88 11.08 11.78
CA ALA A 147 36.93 12.06 12.86
C ALA A 147 36.78 11.39 14.21
N THR A 148 37.40 11.99 15.23
CA THR A 148 37.29 11.51 16.60
C THR A 148 36.06 12.11 17.27
N VAL A 149 35.29 11.25 17.94
CA VAL A 149 34.11 11.69 18.69
C VAL A 149 34.57 12.13 20.07
N CYS A 150 34.46 13.43 20.35
CA CYS A 150 34.90 14.04 21.58
C CYS A 150 33.71 14.58 22.36
N LYS A 151 33.75 14.45 23.68
CA LYS A 151 32.75 15.13 24.49
C LYS A 151 33.15 16.60 24.65
N VAL A 152 32.16 17.43 24.94
CA VAL A 152 32.40 18.85 25.15
C VAL A 152 31.70 19.27 26.44
N GLU A 153 32.23 20.32 27.08
CA GLU A 153 31.65 20.82 28.31
C GLU A 153 30.44 21.69 28.04
N GLN A 154 30.63 22.81 27.37
CA GLN A 154 29.54 23.69 26.97
C GLN A 154 28.88 23.10 25.72
N PRO A 155 27.64 22.62 25.84
CA PRO A 155 26.99 21.96 24.69
C PRO A 155 26.81 22.90 23.50
N ILE A 156 26.86 22.31 22.31
CA ILE A 156 26.69 23.05 21.05
C ILE A 156 25.20 23.00 20.73
N THR A 157 24.46 24.03 21.18
CA THR A 157 23.00 23.99 21.12
C THR A 157 22.46 24.07 19.69
N SER A 158 23.27 24.49 18.72
CA SER A 158 22.81 24.58 17.34
C SER A 158 22.74 23.23 16.63
N THR A 159 23.05 22.12 17.30
CA THR A 159 23.02 20.79 16.70
C THR A 159 22.25 19.84 17.59
N SER A 160 21.80 18.73 17.01
CA SER A 160 21.06 17.75 17.79
C SER A 160 21.98 16.89 18.67
N HIS A 161 23.23 16.69 18.24
CA HIS A 161 24.23 16.00 19.07
C HIS A 161 25.03 17.04 19.86
N SER A 162 24.34 17.71 20.78
CA SER A 162 24.92 18.85 21.48
C SER A 162 26.03 18.47 22.45
N ASP A 163 26.06 17.20 22.88
CA ASP A 163 27.03 16.75 23.88
C ASP A 163 28.41 16.47 23.30
N ILE A 164 28.54 16.34 21.98
CA ILE A 164 29.77 15.87 21.36
C ILE A 164 30.15 16.79 20.20
N GLU A 165 31.40 16.63 19.78
CA GLU A 165 31.96 17.37 18.66
C GLU A 165 32.94 16.47 17.95
N LEU A 166 33.02 16.60 16.62
CA LEU A 166 33.91 15.79 15.80
C LEU A 166 35.22 16.52 15.53
N LYS A 167 36.34 15.86 15.84
CA LYS A 167 37.67 16.39 15.50
C LYS A 167 38.14 15.71 14.21
N VAL A 168 38.11 16.47 13.11
CA VAL A 168 38.28 15.89 11.77
C VAL A 168 39.73 15.59 11.49
N LYS A 169 40.01 14.35 11.08
CA LYS A 169 41.35 13.93 10.66
C LYS A 169 41.48 13.79 9.15
N LYS A 170 40.40 13.44 8.46
CA LYS A 170 40.36 13.29 7.01
C LYS A 170 38.98 13.72 6.53
N ILE A 171 38.93 14.33 5.36
CA ILE A 171 37.63 14.69 4.80
C ILE A 171 37.71 14.70 3.27
N HIS A 172 36.84 13.92 2.62
CA HIS A 172 36.75 13.95 1.16
C HIS A 172 35.29 14.13 0.76
N THR A 173 35.07 14.88 -0.33
CA THR A 173 33.72 14.98 -0.87
C THR A 173 33.36 13.70 -1.60
N VAL A 174 32.16 13.23 -1.34
CA VAL A 174 31.57 12.12 -2.08
C VAL A 174 30.89 12.64 -3.34
N THR A 175 29.97 13.61 -3.19
CA THR A 175 29.49 14.40 -4.31
C THR A 175 29.48 15.87 -3.90
N GLU A 176 29.73 16.75 -4.87
CA GLU A 176 29.74 18.18 -4.62
C GLU A 176 28.43 18.81 -5.07
N SER A 177 27.89 19.68 -4.22
CA SER A 177 26.72 20.45 -4.58
C SER A 177 27.14 21.66 -5.38
N LEU A 178 26.25 22.11 -6.25
CA LEU A 178 26.36 23.47 -6.75
C LEU A 178 26.50 24.45 -5.59
N ARG A 179 27.26 25.53 -5.81
CA ARG A 179 27.33 26.61 -4.84
C ARG A 179 26.13 27.54 -4.92
N THR A 180 25.32 27.40 -5.97
CA THR A 180 24.08 28.16 -6.14
C THR A 180 22.90 27.25 -5.80
N LEU A 181 22.26 27.51 -4.68
CA LEU A 181 21.10 26.73 -4.22
C LEU A 181 19.81 27.42 -4.66
N PRO A 182 18.73 26.66 -4.91
CA PRO A 182 17.46 27.32 -5.23
C PRO A 182 16.93 28.16 -4.07
N PHE A 183 17.29 27.80 -2.85
CA PHE A 183 16.97 28.49 -1.61
C PHE A 183 17.80 27.79 -0.54
N THR A 184 17.98 28.46 0.60
CA THR A 184 18.74 27.85 1.69
C THR A 184 17.83 27.04 2.61
N LEU A 185 18.43 26.06 3.30
CA LEU A 185 17.68 25.29 4.28
C LEU A 185 17.20 26.19 5.40
N GLU A 186 18.04 27.13 5.81
CA GLU A 186 17.67 28.12 6.82
C GLU A 186 16.39 28.83 6.44
N ASP A 187 16.32 29.37 5.22
CA ASP A 187 15.14 30.12 4.82
C ASP A 187 13.93 29.20 4.69
N ALA A 188 14.13 28.01 4.13
CA ALA A 188 13.03 27.06 3.95
C ALA A 188 12.49 26.53 5.27
N SER A 189 13.27 26.66 6.36
CA SER A 189 12.89 26.18 7.69
C SER A 189 12.29 27.25 8.57
N ARG A 190 12.30 28.50 8.14
CA ARG A 190 11.89 29.61 8.99
C ARG A 190 10.37 29.62 9.17
N LYS A 191 9.92 29.86 10.42
CA LYS A 191 8.50 30.02 10.70
C LYS A 191 7.95 31.24 9.97
N GLU A 192 6.71 31.11 9.47
CA GLU A 192 6.09 32.24 8.77
C GLU A 192 6.01 33.47 9.65
N SER A 193 5.88 33.28 10.97
CA SER A 193 5.76 34.41 11.88
C SER A 193 7.12 35.04 12.19
N ALA A 194 8.19 34.25 12.20
CA ALA A 194 9.50 34.78 12.52
C ALA A 194 9.96 35.78 11.46
N GLU A 195 10.84 36.68 11.85
CA GLU A 195 11.37 37.67 10.94
C GLU A 195 12.50 37.07 10.11
N GLY A 196 12.49 37.38 8.82
CA GLY A 196 13.49 36.89 7.89
C GLY A 196 12.86 36.35 6.63
N ALA A 197 13.73 36.02 5.68
CA ALA A 197 13.29 35.55 4.38
C ALA A 197 12.61 34.19 4.51
N LYS A 198 11.44 34.06 3.88
CA LYS A 198 10.76 32.79 3.76
C LYS A 198 10.72 32.35 2.30
N VAL A 199 10.52 31.05 2.10
CA VAL A 199 10.43 30.46 0.77
C VAL A 199 8.96 30.24 0.44
N ASN A 200 8.53 30.71 -0.72
CA ASN A 200 7.12 30.50 -1.02
C ASN A 200 6.90 29.09 -1.57
N LEU A 201 5.64 28.68 -1.57
CA LEU A 201 5.33 27.27 -1.76
C LEU A 201 5.71 26.79 -3.15
N ASP A 202 5.49 27.60 -4.19
CA ASP A 202 5.84 27.13 -5.53
C ASP A 202 7.35 26.92 -5.68
N THR A 203 8.16 27.81 -5.12
CA THR A 203 9.61 27.62 -5.18
C THR A 203 10.01 26.36 -4.42
N ARG A 204 9.36 26.13 -3.28
CA ARG A 204 9.55 24.91 -2.50
C ARG A 204 9.29 23.66 -3.34
N LEU A 205 8.15 23.62 -4.02
CA LEU A 205 7.78 22.40 -4.74
C LEU A 205 8.59 22.24 -6.01
N ASN A 206 9.07 23.35 -6.58
CA ASN A 206 9.85 23.27 -7.81
C ASN A 206 11.20 22.61 -7.60
N SER A 207 11.74 22.64 -6.36
CA SER A 207 12.96 21.91 -5.98
C SER A 207 12.68 21.12 -4.70
N ARG A 208 11.73 20.18 -4.81
CA ARG A 208 11.24 19.46 -3.65
C ARG A 208 12.34 18.67 -2.96
N TRP A 209 13.35 18.21 -3.73
CA TRP A 209 14.46 17.46 -3.12
C TRP A 209 15.23 18.30 -2.13
N MET A 210 15.30 19.61 -2.36
CA MET A 210 15.91 20.49 -1.35
C MET A 210 14.99 20.65 -0.14
N ASP A 211 13.72 20.95 -0.41
CA ASP A 211 12.75 21.18 0.67
C ASP A 211 12.66 19.99 1.61
N LEU A 212 12.70 18.77 1.06
CA LEU A 212 12.51 17.60 1.91
C LEU A 212 13.60 17.47 2.96
N ARG A 213 14.73 18.14 2.78
CA ARG A 213 15.84 18.05 3.73
C ARG A 213 15.57 18.82 5.02
N THR A 214 14.56 19.69 5.06
CA THR A 214 14.26 20.44 6.27
C THR A 214 13.64 19.52 7.31
N LEU A 215 13.77 19.91 8.59
CA LEU A 215 13.26 19.09 9.67
C LEU A 215 11.78 18.83 9.52
N ALA A 216 10.99 19.90 9.32
CA ALA A 216 9.54 19.75 9.31
C ALA A 216 9.07 18.95 8.11
N SER A 217 9.59 19.26 6.92
CA SER A 217 9.14 18.54 5.73
C SER A 217 9.51 17.05 5.82
N GLY A 218 10.74 16.75 6.22
CA GLY A 218 11.10 15.36 6.44
C GLY A 218 10.20 14.66 7.46
N ALA A 219 9.86 15.37 8.55
CA ALA A 219 9.01 14.77 9.58
C ALA A 219 7.60 14.54 9.06
N ILE A 220 7.07 15.47 8.28
CA ILE A 220 5.73 15.28 7.72
C ILE A 220 5.65 13.97 6.94
N PHE A 221 6.66 13.67 6.14
CA PHE A 221 6.52 12.49 5.30
C PHE A 221 6.88 11.20 6.02
N ARG A 222 7.69 11.26 7.07
CA ARG A 222 7.80 10.11 7.97
C ARG A 222 6.45 9.81 8.63
N LEU A 223 5.75 10.85 9.09
CA LEU A 223 4.43 10.63 9.68
C LEU A 223 3.42 10.13 8.64
N GLN A 224 3.51 10.62 7.40
CA GLN A 224 2.64 10.08 6.37
C GLN A 224 2.84 8.58 6.20
N SER A 225 4.09 8.13 6.19
CA SER A 225 4.37 6.70 6.14
C SER A 225 3.76 5.97 7.33
N ARG A 226 3.85 6.55 8.54
CA ARG A 226 3.28 5.89 9.71
C ARG A 226 1.76 5.79 9.62
N VAL A 227 1.09 6.82 9.05
CA VAL A 227 -0.37 6.71 8.88
C VAL A 227 -0.73 5.49 8.03
N CYS A 228 -0.07 5.34 6.87
CA CYS A 228 -0.29 4.15 6.04
C CYS A 228 -0.01 2.86 6.82
N GLN A 229 1.12 2.82 7.52
CA GLN A 229 1.49 1.64 8.29
C GLN A 229 0.41 1.25 9.31
N TYR A 230 -0.07 2.21 10.11
CA TYR A 230 -1.02 1.88 11.16
C TYR A 230 -2.41 1.62 10.58
N PHE A 231 -2.78 2.33 9.51
CA PHE A 231 -4.01 1.98 8.78
C PHE A 231 -4.02 0.50 8.39
N ARG A 232 -2.98 0.05 7.70
CA ARG A 232 -2.95 -1.33 7.23
CA ARG A 232 -2.95 -1.33 7.23
C ARG A 232 -2.85 -2.31 8.40
N GLN A 233 -2.05 -2.00 9.41
CA GLN A 233 -1.88 -2.98 10.48
C GLN A 233 -3.15 -3.21 11.26
N PHE A 234 -3.89 -2.13 11.56
CA PHE A 234 -5.18 -2.31 12.22
C PHE A 234 -6.07 -3.26 11.44
N LEU A 235 -6.16 -3.06 10.12
CA LEU A 235 -7.12 -3.80 9.32
C LEU A 235 -6.66 -5.24 9.08
N ILE A 236 -5.37 -5.43 8.84
CA ILE A 236 -4.80 -6.79 8.80
C ILE A 236 -5.12 -7.54 10.09
N ASP A 237 -4.94 -6.89 11.25
CA ASP A 237 -5.25 -7.49 12.54
C ASP A 237 -6.70 -7.93 12.61
N LYS A 238 -7.61 -7.20 11.95
CA LYS A 238 -9.02 -7.51 11.92
C LYS A 238 -9.42 -8.33 10.70
N ASP A 239 -8.45 -8.97 10.04
CA ASP A 239 -8.68 -9.92 8.94
C ASP A 239 -9.31 -9.23 7.71
N PHE A 240 -8.90 -7.99 7.43
CA PHE A 240 -9.22 -7.35 6.16
C PHE A 240 -8.16 -7.75 5.13
N CYS A 241 -8.61 -8.06 3.92
CA CYS A 241 -7.73 -8.46 2.84
CA CYS A 241 -7.73 -8.46 2.83
C CYS A 241 -7.39 -7.25 1.98
N GLU A 242 -6.12 -7.15 1.57
CA GLU A 242 -5.73 -6.03 0.71
C GLU A 242 -6.10 -6.35 -0.74
N ILE A 243 -6.67 -5.37 -1.43
CA ILE A 243 -7.00 -5.53 -2.83
C ILE A 243 -6.31 -4.45 -3.64
N HIS A 244 -6.18 -4.69 -4.94
CA HIS A 244 -5.63 -3.75 -5.90
C HIS A 244 -6.57 -3.75 -7.08
N SER A 245 -7.31 -2.66 -7.26
CA SER A 245 -8.27 -2.52 -8.34
C SER A 245 -7.77 -1.51 -9.36
N PRO A 246 -8.26 -1.58 -10.60
CA PRO A 246 -7.63 -0.79 -11.67
C PRO A 246 -7.95 0.69 -11.55
N LYS A 247 -6.98 1.49 -11.94
CA LYS A 247 -7.18 2.92 -12.03
C LYS A 247 -7.62 3.35 -13.42
N ILE A 248 -7.38 2.52 -14.43
CA ILE A 248 -7.93 2.77 -15.77
C ILE A 248 -9.31 2.14 -15.87
N ILE A 249 -10.30 2.92 -16.29
CA ILE A 249 -11.66 2.43 -16.44
C ILE A 249 -12.20 2.81 -17.82
N ASN A 250 -13.24 2.11 -18.26
CA ASN A 250 -13.64 2.27 -19.65
C ASN A 250 -14.57 3.45 -19.85
N ALA A 251 -15.11 4.04 -18.78
CA ALA A 251 -16.11 5.08 -18.92
C ALA A 251 -16.18 5.86 -17.61
N PRO A 252 -16.38 7.19 -17.65
CA PRO A 252 -16.43 8.06 -16.46
C PRO A 252 -17.36 7.56 -15.34
N VAL A 259 -13.03 12.60 -14.57
CA VAL A 259 -13.11 12.59 -16.03
C VAL A 259 -11.77 13.01 -16.65
N PHE A 260 -10.69 12.41 -16.16
CA PHE A 260 -9.41 12.42 -16.88
C PHE A 260 -9.50 11.40 -18.01
N LYS A 261 -9.41 11.86 -19.24
CA LYS A 261 -9.53 11.01 -20.41
C LYS A 261 -8.13 10.70 -20.98
N LEU A 262 -7.87 9.43 -21.25
CA LEU A 262 -6.56 9.05 -21.76
C LEU A 262 -6.72 8.29 -23.06
N GLU A 263 -5.71 8.40 -23.93
CA GLU A 263 -5.68 7.59 -25.13
C GLU A 263 -5.27 6.17 -24.75
N TYR A 264 -6.08 5.19 -25.15
CA TYR A 264 -5.87 3.79 -24.73
C TYR A 264 -5.87 2.97 -26.00
N PHE A 265 -4.70 2.87 -26.63
CA PHE A 265 -4.53 2.15 -27.90
C PHE A 265 -5.50 2.77 -28.90
N ASN A 266 -6.40 2.02 -29.52
CA ASN A 266 -7.34 2.45 -30.54
CA ASN A 266 -7.27 2.61 -30.53
C ASN A 266 -8.60 3.07 -29.95
N ARG A 267 -8.64 3.34 -28.65
CA ARG A 267 -9.85 3.85 -28.03
C ARG A 267 -9.44 4.81 -26.93
N PHE A 268 -10.42 5.29 -26.17
CA PHE A 268 -10.15 6.12 -25.01
C PHE A 268 -10.54 5.40 -23.74
N ALA A 269 -9.90 5.80 -22.64
CA ALA A 269 -10.23 5.31 -21.33
C ALA A 269 -10.16 6.48 -20.36
N TYR A 270 -10.37 6.20 -19.08
CA TYR A 270 -10.53 7.23 -18.07
C TYR A 270 -9.84 6.78 -16.80
N LEU A 271 -9.55 7.74 -15.92
CA LEU A 271 -8.97 7.42 -14.63
C LEU A 271 -10.06 7.40 -13.56
N ALA A 272 -10.00 6.38 -12.73
CA ALA A 272 -11.00 6.19 -11.67
C ALA A 272 -10.81 7.22 -10.57
N GLN A 273 -11.92 7.79 -10.12
CA GLN A 273 -11.83 8.78 -9.06
C GLN A 273 -11.54 8.11 -7.74
N SER A 274 -11.95 6.85 -7.60
CA SER A 274 -11.76 6.10 -6.37
C SER A 274 -12.06 4.65 -6.68
N PRO A 275 -11.66 3.72 -5.80
CA PRO A 275 -11.96 2.30 -6.06
C PRO A 275 -13.37 1.92 -5.60
N GLN A 276 -14.26 2.89 -5.37
CA GLN A 276 -15.58 2.64 -4.81
C GLN A 276 -16.30 1.44 -5.43
N LEU A 277 -16.48 1.45 -6.74
CA LEU A 277 -17.27 0.40 -7.37
C LEU A 277 -16.58 -0.96 -7.22
N TYR A 278 -15.27 -1.03 -7.43
CA TYR A 278 -14.56 -2.31 -7.35
C TYR A 278 -14.55 -2.88 -5.94
N LYS A 279 -14.36 -2.03 -4.92
CA LYS A 279 -14.32 -2.60 -3.58
C LYS A 279 -15.67 -3.19 -3.18
N GLN A 280 -16.78 -2.65 -3.69
CA GLN A 280 -18.05 -3.34 -3.48
C GLN A 280 -18.14 -4.64 -4.28
N MET A 281 -17.71 -4.61 -5.55
CA MET A 281 -17.83 -5.81 -6.37
C MET A 281 -17.01 -6.96 -5.80
N VAL A 282 -15.88 -6.68 -5.16
CA VAL A 282 -15.06 -7.78 -4.65
CA VAL A 282 -15.07 -7.80 -4.67
C VAL A 282 -15.76 -8.48 -3.50
N LEU A 283 -16.54 -7.76 -2.69
CA LEU A 283 -17.30 -8.42 -1.65
C LEU A 283 -18.32 -9.40 -2.22
N GLN A 284 -18.82 -9.13 -3.42
CA GLN A 284 -19.72 -10.08 -4.05
C GLN A 284 -19.00 -11.30 -4.60
N GLY A 285 -17.67 -11.32 -4.56
CA GLY A 285 -16.94 -12.55 -4.83
C GLY A 285 -16.58 -13.27 -3.55
N ASP A 286 -17.24 -12.91 -2.46
CA ASP A 286 -17.23 -13.53 -1.13
C ASP A 286 -15.98 -13.19 -0.32
N VAL A 287 -15.23 -12.18 -0.69
CA VAL A 287 -14.19 -11.70 0.23
C VAL A 287 -14.93 -10.91 1.31
N PRO A 288 -14.81 -11.27 2.59
CA PRO A 288 -15.65 -10.62 3.62
C PRO A 288 -15.31 -9.18 3.90
N ARG A 289 -14.04 -8.79 3.80
CA ARG A 289 -13.54 -7.50 4.30
CA ARG A 289 -13.65 -7.43 4.14
C ARG A 289 -12.32 -7.11 3.48
N VAL A 290 -12.27 -5.88 2.93
CA VAL A 290 -11.15 -5.48 2.09
C VAL A 290 -10.69 -4.07 2.44
N PHE A 291 -9.44 -3.79 2.11
CA PHE A 291 -8.95 -2.42 2.11
C PHE A 291 -8.06 -2.23 0.90
N GLU A 292 -7.90 -0.97 0.52
CA GLU A 292 -7.00 -0.63 -0.58
C GLU A 292 -6.29 0.68 -0.25
N VAL A 293 -5.02 0.76 -0.63
CA VAL A 293 -4.24 1.98 -0.50
C VAL A 293 -3.71 2.28 -1.89
N GLY A 294 -4.14 3.39 -2.49
CA GLY A 294 -3.68 3.68 -3.82
C GLY A 294 -4.12 5.03 -4.31
N PRO A 295 -3.67 5.40 -5.51
CA PRO A 295 -3.98 6.73 -6.05
C PRO A 295 -5.44 6.89 -6.37
N VAL A 296 -5.92 8.12 -6.21
CA VAL A 296 -7.26 8.54 -6.58
C VAL A 296 -7.10 9.86 -7.32
N PHE A 297 -8.07 10.18 -8.15
CA PHE A 297 -7.95 11.31 -9.08
C PHE A 297 -9.23 12.12 -9.03
N ARG A 298 -9.10 13.43 -8.87
CA ARG A 298 -10.24 14.36 -8.90
C ARG A 298 -10.04 15.29 -10.08
N SER A 299 -11.03 15.33 -10.97
CA SER A 299 -10.90 16.08 -12.19
C SER A 299 -11.47 17.49 -12.10
N GLU A 300 -11.78 17.98 -10.90
CA GLU A 300 -12.30 19.34 -10.79
C GLU A 300 -11.17 20.36 -10.86
N ASN A 301 -11.42 21.46 -11.56
CA ASN A 301 -10.42 22.50 -11.72
C ASN A 301 -10.53 23.44 -10.53
N SER A 302 -10.02 22.95 -9.40
CA SER A 302 -10.05 23.67 -8.14
C SER A 302 -8.62 23.86 -7.68
N ASN A 303 -8.21 25.11 -7.54
CA ASN A 303 -6.88 25.43 -7.07
C ASN A 303 -7.06 26.15 -5.75
N THR A 304 -7.10 25.38 -4.67
CA THR A 304 -7.25 25.90 -3.32
C THR A 304 -6.16 25.30 -2.46
N HIS A 305 -6.12 25.73 -1.21
CA HIS A 305 -5.15 25.20 -0.26
C HIS A 305 -5.46 23.78 0.16
N ARG A 306 -6.65 23.27 -0.17
CA ARG A 306 -7.09 21.98 0.34
C ARG A 306 -7.23 20.89 -0.72
N HIS A 307 -7.14 21.21 -2.02
CA HIS A 307 -7.48 20.23 -3.06
C HIS A 307 -6.26 19.85 -3.91
N LEU A 308 -6.16 18.55 -4.19
CA LEU A 308 -5.17 17.98 -5.08
C LEU A 308 -5.90 17.28 -6.21
N THR A 309 -5.28 17.27 -7.40
CA THR A 309 -5.91 16.54 -8.50
C THR A 309 -5.57 15.06 -8.48
N GLU A 310 -4.44 14.70 -7.86
CA GLU A 310 -4.09 13.33 -7.63
C GLU A 310 -3.74 13.22 -6.17
N PHE A 311 -4.30 12.23 -5.49
CA PHE A 311 -3.83 11.97 -4.12
C PHE A 311 -3.95 10.49 -3.83
N VAL A 312 -3.95 10.13 -2.56
CA VAL A 312 -3.89 8.74 -2.13
C VAL A 312 -5.10 8.46 -1.26
N GLY A 313 -5.85 7.42 -1.63
CA GLY A 313 -7.02 7.01 -0.88
C GLY A 313 -6.74 5.78 -0.03
N LEU A 314 -7.22 5.82 1.21
CA LEU A 314 -7.21 4.69 2.12
C LEU A 314 -8.66 4.22 2.18
N ASP A 315 -8.95 3.07 1.57
CA ASP A 315 -10.34 2.67 1.33
C ASP A 315 -10.62 1.37 2.04
N VAL A 316 -11.84 1.24 2.55
CA VAL A 316 -12.28 0.08 3.31
C VAL A 316 -13.68 -0.29 2.85
N GLU A 317 -13.95 -1.59 2.67
CA GLU A 317 -15.31 -2.05 2.46
C GLU A 317 -15.49 -3.37 3.20
N MET A 318 -16.70 -3.61 3.75
CA MET A 318 -16.89 -4.81 4.57
C MET A 318 -18.36 -5.22 4.56
N ARG A 319 -18.60 -6.53 4.74
CA ARG A 319 -19.95 -7.00 4.99
C ARG A 319 -20.50 -6.39 6.27
N ILE A 320 -21.83 -6.25 6.33
CA ILE A 320 -22.48 -5.93 7.58
C ILE A 320 -23.51 -6.99 7.89
N ASP A 321 -23.64 -7.33 9.17
CA ASP A 321 -24.67 -8.26 9.61
C ASP A 321 -26.03 -7.57 9.63
N GLU A 322 -26.09 -6.41 10.26
CA GLU A 322 -27.38 -5.76 10.49
C GLU A 322 -27.39 -4.28 10.18
N HIS A 323 -26.28 -3.59 10.41
CA HIS A 323 -26.35 -2.13 10.57
C HIS A 323 -25.05 -1.49 10.11
N TYR A 324 -25.18 -0.30 9.51
CA TYR A 324 -23.97 0.42 9.15
C TYR A 324 -23.18 0.91 10.36
N TYR A 325 -23.75 0.91 11.57
CA TYR A 325 -22.94 1.18 12.75
C TYR A 325 -21.80 0.18 12.89
N GLU A 326 -21.90 -1.01 12.26
CA GLU A 326 -20.78 -1.93 12.26
C GLU A 326 -19.59 -1.36 11.51
N VAL A 327 -19.87 -0.63 10.42
CA VAL A 327 -18.85 0.09 9.66
C VAL A 327 -18.27 1.22 10.49
N LEU A 328 -19.15 2.02 11.09
CA LEU A 328 -18.71 3.13 11.91
C LEU A 328 -17.90 2.65 13.11
N ASP A 329 -18.29 1.51 13.70
CA ASP A 329 -17.50 0.92 14.79
C ASP A 329 -16.06 0.67 14.33
N VAL A 330 -15.89 0.07 13.15
CA VAL A 330 -14.54 -0.20 12.63
C VAL A 330 -13.79 1.09 12.36
N ALA A 331 -14.46 2.05 11.71
CA ALA A 331 -13.82 3.32 11.36
C ALA A 331 -13.33 4.06 12.60
N GLU A 332 -14.14 4.08 13.67
CA GLU A 332 -13.71 4.78 14.89
C GLU A 332 -12.55 4.06 15.55
N SER A 333 -12.62 2.74 15.63
CA SER A 333 -11.51 1.99 16.23
C SER A 333 -10.25 2.17 15.39
N LEU A 334 -10.41 2.25 14.07
CA LEU A 334 -9.27 2.45 13.18
C LEU A 334 -8.61 3.80 13.44
N PHE A 335 -9.42 4.86 13.52
CA PHE A 335 -8.83 6.17 13.78
C PHE A 335 -8.22 6.22 15.17
N ASN A 336 -8.88 5.62 16.17
CA ASN A 336 -8.31 5.58 17.51
C ASN A 336 -6.93 4.94 17.48
N TYR A 337 -6.82 3.79 16.82
CA TYR A 337 -5.56 3.07 16.72
C TYR A 337 -4.47 3.95 16.11
N ILE A 338 -4.79 4.60 15.00
CA ILE A 338 -3.82 5.44 14.30
C ILE A 338 -3.37 6.60 15.18
N PHE A 339 -4.33 7.33 15.75
CA PHE A 339 -4.01 8.52 16.54
C PHE A 339 -3.19 8.14 17.77
N GLU A 340 -3.54 7.04 18.41
CA GLU A 340 -2.79 6.61 19.60
C GLU A 340 -1.35 6.28 19.26
N ARG A 341 -1.11 5.71 18.08
CA ARG A 341 0.26 5.36 17.71
C ARG A 341 1.01 6.57 17.13
N LEU A 342 0.33 7.45 16.39
CA LEU A 342 1.00 8.66 15.92
C LEU A 342 1.50 9.50 17.07
N ALA A 343 0.77 9.49 18.19
CA ALA A 343 1.16 10.29 19.34
C ALA A 343 2.49 9.85 19.95
N THR A 344 2.93 8.60 19.71
CA THR A 344 4.22 8.12 20.21
C THR A 344 5.41 8.63 19.41
N HIS A 345 5.20 9.20 18.23
CA HIS A 345 6.31 9.65 17.41
C HIS A 345 6.63 11.11 17.74
N THR A 346 7.12 11.28 18.97
CA THR A 346 7.32 12.63 19.52
C THR A 346 8.41 13.39 18.77
N LYS A 347 9.48 12.70 18.38
CA LYS A 347 10.53 13.36 17.59
C LYS A 347 9.95 14.04 16.36
N GLU A 348 9.18 13.29 15.57
CA GLU A 348 8.63 13.84 14.34
C GLU A 348 7.61 14.94 14.63
N LEU A 349 6.76 14.74 15.65
CA LEU A 349 5.76 15.76 15.96
C LEU A 349 6.43 17.07 16.37
N LYS A 350 7.50 16.98 17.17
CA LYS A 350 8.18 18.20 17.57
C LYS A 350 8.88 18.88 16.40
N ASN A 351 9.39 18.07 15.45
CA ASN A 351 10.08 18.63 14.30
C ASN A 351 9.12 19.30 13.31
N VAL A 352 7.87 18.84 13.23
CA VAL A 352 6.85 19.61 12.51
C VAL A 352 6.51 20.88 13.28
N CYS A 353 6.25 20.72 14.58
CA CYS A 353 5.69 21.80 15.39
C CYS A 353 6.65 22.99 15.50
N GLN A 354 7.95 22.76 15.42
CA GLN A 354 8.86 23.89 15.60
C GLN A 354 8.76 24.87 14.44
N GLN A 355 8.43 24.39 13.25
CA GLN A 355 8.19 25.31 12.14
C GLN A 355 6.72 25.65 11.97
N TYR A 356 5.83 24.71 12.23
CA TYR A 356 4.40 24.84 11.95
C TYR A 356 3.66 24.52 13.24
N PRO A 357 3.64 25.46 14.19
CA PRO A 357 3.09 25.15 15.52
C PRO A 357 1.64 24.69 15.45
N PHE A 358 1.33 23.67 16.22
CA PHE A 358 -0.04 23.18 16.29
C PHE A 358 -0.31 22.67 17.69
N GLU A 359 -1.60 22.70 18.07
CA GLU A 359 -2.02 22.03 19.30
C GLU A 359 -2.33 20.57 18.99
N PRO A 360 -1.78 19.62 19.76
CA PRO A 360 -2.04 18.20 19.49
C PRO A 360 -3.53 17.91 19.42
N LEU A 361 -3.90 17.03 18.49
CA LEU A 361 -5.29 16.68 18.29
C LEU A 361 -5.86 16.00 19.52
N VAL A 362 -7.07 16.41 19.89
CA VAL A 362 -7.88 15.72 20.90
C VAL A 362 -8.98 15.00 20.14
N TRP A 363 -9.03 13.66 20.25
CA TRP A 363 -10.05 12.91 19.56
C TRP A 363 -11.03 12.20 20.48
N LYS A 364 -10.79 12.22 21.80
CA LYS A 364 -11.63 11.58 22.80
C LYS A 364 -12.27 12.63 23.70
N LEU A 365 -13.54 12.42 24.03
CA LEU A 365 -14.10 13.11 25.19
C LEU A 365 -13.47 12.57 26.47
N THR A 366 -13.34 13.43 27.47
CA THR A 366 -12.94 12.92 28.79
C THR A 366 -14.13 12.21 29.44
N PRO A 367 -13.87 11.24 30.32
CA PRO A 367 -14.98 10.65 31.07
C PRO A 367 -15.81 11.70 31.80
N GLU A 368 -15.16 12.76 32.29
CA GLU A 368 -15.86 13.79 33.05
C GLU A 368 -16.82 14.58 32.16
N ARG A 369 -16.38 14.94 30.94
CA ARG A 369 -17.27 15.69 30.05
C ARG A 369 -18.47 14.84 29.67
N ILE A 370 -18.26 13.55 29.43
CA ILE A 370 -19.36 12.63 29.15
C ILE A 370 -20.39 12.70 30.25
N LYS A 371 -19.95 12.65 31.52
CA LYS A 371 -20.88 12.70 32.64
C LYS A 371 -21.53 14.08 32.74
N GLU A 372 -20.73 15.15 32.64
CA GLU A 372 -21.22 16.51 32.78
C GLU A 372 -22.35 16.83 31.80
N LEU A 373 -22.23 16.38 30.55
CA LEU A 373 -23.25 16.68 29.56
C LEU A 373 -24.27 15.57 29.39
N GLY A 374 -24.12 14.45 30.08
CA GLY A 374 -25.05 13.35 29.87
C GLY A 374 -24.98 12.77 28.46
N VAL A 375 -23.77 12.66 27.90
CA VAL A 375 -23.56 11.94 26.65
C VAL A 375 -23.88 10.47 26.86
N GLY A 376 -24.57 9.87 25.90
CA GLY A 376 -24.91 8.47 26.01
C GLY A 376 -23.71 7.57 25.76
N VAL A 377 -23.80 6.32 26.19
CA VAL A 377 -22.74 5.33 26.00
C VAL A 377 -23.39 4.06 25.46
N ILE A 378 -23.16 3.77 24.18
CA ILE A 378 -23.90 2.71 23.49
C ILE A 378 -23.65 1.35 24.12
N SER A 379 -22.37 1.02 24.38
CA SER A 379 -22.03 -0.31 24.86
C SER A 379 -22.48 -0.55 26.30
N GLU A 380 -22.91 0.48 27.02
CA GLU A 380 -23.39 0.32 28.38
C GLU A 380 -24.88 0.61 28.50
N GLY A 381 -25.58 0.82 27.40
CA GLY A 381 -27.00 1.07 27.48
C GLY A 381 -27.37 2.41 28.09
N VAL A 382 -26.44 3.36 28.08
CA VAL A 382 -26.70 4.67 28.68
C VAL A 382 -27.30 5.58 27.60
N VAL A 383 -28.56 5.95 27.81
CA VAL A 383 -29.33 6.82 26.92
C VAL A 383 -28.91 8.25 27.19
N PRO A 384 -28.66 9.08 26.17
CA PRO A 384 -28.18 10.43 26.46
C PRO A 384 -29.29 11.30 27.01
N THR A 385 -28.92 12.17 27.95
CA THR A 385 -29.74 13.30 28.31
C THR A 385 -29.18 14.61 27.77
N ASP A 386 -28.00 14.57 27.15
CA ASP A 386 -27.45 15.72 26.43
C ASP A 386 -28.52 16.35 25.53
N LYS A 387 -28.60 17.68 25.59
CA LYS A 387 -29.59 18.39 24.76
C LYS A 387 -29.43 18.06 23.28
N PHE A 388 -28.20 17.81 22.82
CA PHE A 388 -27.99 17.42 21.43
C PHE A 388 -27.83 15.92 21.26
N GLN A 389 -28.12 15.14 22.31
CA GLN A 389 -28.28 13.69 22.19
C GLN A 389 -27.04 13.02 21.65
N ALA A 390 -25.88 13.51 22.07
CA ALA A 390 -24.64 12.92 21.66
C ALA A 390 -24.38 11.61 22.39
N ARG A 391 -23.56 10.77 21.76
CA ARG A 391 -23.27 9.43 22.25
C ARG A 391 -21.81 9.11 21.95
N VAL A 392 -21.22 8.27 22.77
CA VAL A 392 -20.00 7.57 22.39
C VAL A 392 -20.31 6.09 22.38
N HIS A 393 -19.60 5.32 21.55
CA HIS A 393 -19.80 3.88 21.58
C HIS A 393 -19.41 3.31 22.95
N ASN A 394 -18.26 3.72 23.48
CA ASN A 394 -17.71 3.03 24.66
C ASN A 394 -16.79 3.96 25.44
N MET A 395 -16.52 3.57 26.69
CA MET A 395 -15.74 4.45 27.56
C MET A 395 -14.24 4.33 27.33
N ASP A 396 -13.80 3.46 26.44
CA ASP A 396 -12.38 3.36 26.09
C ASP A 396 -11.96 4.36 25.00
N SER A 397 -12.66 4.40 23.87
CA SER A 397 -12.28 5.36 22.83
C SER A 397 -13.03 6.69 22.93
N ARG A 398 -14.24 6.69 23.49
CA ARG A 398 -14.93 7.94 23.86
C ARG A 398 -15.05 8.90 22.69
N MET A 399 -15.43 8.38 21.53
CA MET A 399 -15.46 9.15 20.30
C MET A 399 -16.89 9.62 20.00
N LEU A 400 -17.03 10.93 19.81
CA LEU A 400 -18.34 11.60 19.80
C LEU A 400 -19.12 11.37 18.50
N ARG A 401 -20.40 11.03 18.64
CA ARG A 401 -21.35 10.88 17.55
C ARG A 401 -22.52 11.82 17.83
N ILE A 402 -22.92 12.63 16.84
CA ILE A 402 -24.09 13.49 16.95
C ILE A 402 -24.94 13.24 15.70
N ASN A 403 -26.22 12.97 15.92
CA ASN A 403 -27.15 12.86 14.82
C ASN A 403 -27.16 14.15 14.00
N TYR A 404 -27.27 14.00 12.68
CA TYR A 404 -27.27 15.14 11.76
C TYR A 404 -28.31 16.19 12.16
N MET A 405 -29.51 15.77 12.56
CA MET A 405 -30.54 16.76 12.89
C MET A 405 -30.17 17.53 14.15
N HIS A 406 -29.47 16.89 15.10
CA HIS A 406 -28.99 17.64 16.24
C HIS A 406 -27.79 18.52 15.89
N CYS A 407 -26.99 18.12 14.90
CA CYS A 407 -25.96 19.02 14.39
C CYS A 407 -26.57 20.29 13.82
N ILE A 408 -27.67 20.14 13.07
CA ILE A 408 -28.39 21.32 12.58
C ILE A 408 -28.84 22.18 13.75
N GLU A 409 -29.40 21.56 14.79
CA GLU A 409 -29.90 22.34 15.93
C GLU A 409 -28.76 23.07 16.63
N LEU A 410 -27.58 22.42 16.71
CA LEU A 410 -26.43 23.05 17.34
C LEU A 410 -25.96 24.28 16.56
N LEU A 411 -25.87 24.14 15.24
CA LEU A 411 -25.57 25.29 14.39
C LEU A 411 -26.59 26.40 14.61
N ASN A 412 -27.86 26.03 14.69
CA ASN A 412 -28.90 27.05 14.82
C ASN A 412 -28.79 27.85 16.11
N THR A 413 -28.02 27.38 17.11
CA THR A 413 -27.91 28.19 18.33
C THR A 413 -27.16 29.48 18.09
N VAL A 414 -26.33 29.57 17.05
CA VAL A 414 -25.58 30.77 16.75
C VAL A 414 -25.96 31.39 15.41
N LEU A 415 -26.87 30.76 14.66
CA LEU A 415 -27.26 31.27 13.35
C LEU A 415 -28.52 32.11 13.44
N ASP A 416 -28.53 33.23 12.71
CA ASP A 416 -29.75 34.02 12.54
C ASP A 416 -30.63 33.45 11.43
N GLU A 417 -30.02 32.96 10.35
CA GLU A 417 -30.74 32.27 9.29
C GLU A 417 -30.79 30.79 9.66
N LYS A 418 -31.90 30.39 10.29
CA LYS A 418 -32.02 29.02 10.79
C LYS A 418 -32.05 28.02 9.64
N MET A 419 -31.37 26.90 9.83
CA MET A 419 -31.36 25.83 8.84
C MET A 419 -32.47 24.83 9.12
N ALA A 420 -32.98 24.22 8.06
CA ALA A 420 -33.95 23.14 8.17
C ALA A 420 -33.23 21.83 8.45
N PRO A 421 -33.92 20.83 9.01
CA PRO A 421 -33.27 19.54 9.29
C PRO A 421 -32.68 18.85 8.07
N THR A 422 -33.18 19.17 6.88
CA THR A 422 -32.68 18.55 5.65
C THR A 422 -31.69 19.42 4.91
N ASP A 423 -31.45 20.65 5.39
CA ASP A 423 -30.50 21.54 4.74
C ASP A 423 -29.09 20.97 4.80
N ASP A 424 -28.26 21.37 3.83
CA ASP A 424 -26.92 20.83 3.72
C ASP A 424 -25.94 21.68 4.51
N ILE A 425 -24.95 21.02 5.12
CA ILE A 425 -23.93 21.71 5.90
C ILE A 425 -22.71 21.93 5.01
N ASN A 426 -22.57 23.16 4.48
CA ASN A 426 -21.52 23.48 3.52
C ASN A 426 -20.13 23.55 4.17
N THR A 427 -19.18 24.23 3.54
CA THR A 427 -17.83 24.27 4.07
C THR A 427 -17.63 25.36 5.11
N THR A 428 -18.26 26.51 4.94
CA THR A 428 -18.27 27.48 6.03
C THR A 428 -19.03 26.92 7.24
N ASN A 429 -20.09 26.15 7.00
CA ASN A 429 -20.84 25.59 8.12
C ASN A 429 -20.11 24.45 8.81
N GLU A 430 -19.32 23.63 8.08
CA GLU A 430 -18.63 22.52 8.77
C GLU A 430 -17.62 23.05 9.79
N LYS A 431 -16.93 24.15 9.46
CA LYS A 431 -15.96 24.68 10.41
C LYS A 431 -16.66 25.31 11.59
N LEU A 432 -17.80 25.99 11.37
CA LEU A 432 -18.55 26.51 12.49
C LEU A 432 -19.03 25.38 13.40
N LEU A 433 -19.50 24.27 12.79
CA LEU A 433 -19.97 23.14 13.58
C LEU A 433 -18.85 22.55 14.41
N GLY A 434 -17.67 22.40 13.81
CA GLY A 434 -16.54 21.83 14.55
C GLY A 434 -16.09 22.72 15.70
N LYS A 435 -16.17 24.04 15.52
CA LYS A 435 -15.87 24.95 16.62
C LYS A 435 -16.89 24.80 17.74
N LEU A 436 -18.17 24.76 17.40
CA LEU A 436 -19.20 24.54 18.41
C LEU A 436 -19.01 23.21 19.14
N VAL A 437 -18.63 22.16 18.39
CA VAL A 437 -18.37 20.86 19.00
C VAL A 437 -17.15 20.93 19.91
N LYS A 438 -16.10 21.63 19.48
CA LYS A 438 -14.91 21.73 20.32
C LYS A 438 -15.23 22.48 21.61
N GLU A 439 -15.99 23.56 21.51
CA GLU A 439 -16.31 24.36 22.69
C GLU A 439 -17.22 23.63 23.65
N ARG A 440 -18.19 22.86 23.14
CA ARG A 440 -19.16 22.17 23.99
C ARG A 440 -18.60 20.89 24.58
N TYR A 441 -18.01 20.05 23.72
CA TYR A 441 -17.60 18.69 24.05
C TYR A 441 -16.10 18.54 24.27
N GLY A 442 -15.29 19.50 23.80
CA GLY A 442 -13.86 19.48 24.05
C GLY A 442 -13.04 18.62 23.11
N THR A 443 -13.59 18.25 21.95
CA THR A 443 -12.92 17.33 21.05
C THR A 443 -12.79 17.93 19.66
N ASP A 444 -11.68 17.59 19.00
CA ASP A 444 -11.38 17.96 17.63
C ASP A 444 -11.85 16.94 16.61
N PHE A 445 -12.50 15.85 17.06
CA PHE A 445 -12.89 14.73 16.21
C PHE A 445 -14.32 14.31 16.54
N PHE A 446 -15.17 14.17 15.53
CA PHE A 446 -16.53 13.72 15.80
C PHE A 446 -17.16 13.21 14.51
N ILE A 447 -18.22 12.42 14.67
CA ILE A 447 -18.96 12.00 13.49
C ILE A 447 -20.36 12.58 13.55
N SER A 448 -20.91 12.94 12.38
CA SER A 448 -22.28 13.37 12.20
C SER A 448 -23.01 12.25 11.50
N ASP A 449 -24.11 11.79 12.12
CA ASP A 449 -24.79 10.55 11.77
C ASP A 449 -26.11 10.83 11.04
N ARG A 450 -26.34 10.08 9.95
CA ARG A 450 -27.59 10.05 9.18
C ARG A 450 -27.75 11.27 8.28
N PHE A 451 -26.98 11.31 7.20
CA PHE A 451 -27.00 12.48 6.33
C PHE A 451 -28.24 12.50 5.45
N PRO A 452 -28.65 13.69 5.00
CA PRO A 452 -29.81 13.76 4.10
C PRO A 452 -29.52 13.06 2.77
N SER A 453 -30.57 12.44 2.23
CA SER A 453 -30.46 11.68 0.99
C SER A 453 -29.98 12.54 -0.17
N SER A 454 -30.40 13.80 -0.20
CA SER A 454 -30.04 14.69 -1.30
C SER A 454 -28.54 14.95 -1.36
N ALA A 455 -27.81 14.75 -0.28
CA ALA A 455 -26.37 15.00 -0.23
C ALA A 455 -25.50 13.77 -0.52
N ARG A 456 -26.09 12.62 -0.79
CA ARG A 456 -25.36 11.36 -0.85
C ARG A 456 -25.47 10.72 -2.23
N PRO A 457 -24.47 9.91 -2.61
CA PRO A 457 -24.48 9.24 -3.92
C PRO A 457 -25.61 8.23 -4.07
N PHE A 458 -25.81 7.81 -5.32
CA PHE A 458 -26.93 6.93 -5.67
C PHE A 458 -26.82 5.57 -4.98
N TYR A 459 -25.61 5.12 -4.64
CA TYR A 459 -25.43 3.81 -4.02
C TYR A 459 -25.61 3.82 -2.49
N THR A 460 -26.01 4.94 -1.90
CA THR A 460 -26.19 5.01 -0.44
C THR A 460 -27.57 4.51 -0.04
N MET A 461 -27.62 3.58 0.93
CA MET A 461 -28.90 3.05 1.41
C MET A 461 -29.66 4.11 2.20
N GLU A 462 -30.94 4.30 1.86
CA GLU A 462 -31.80 5.24 2.58
C GLU A 462 -32.31 4.63 3.90
N CYS A 463 -32.64 5.48 4.86
CA CYS A 463 -33.25 5.00 6.10
C CYS A 463 -34.67 4.51 5.81
N LYS A 464 -34.99 3.32 6.33
CA LYS A 464 -36.33 2.75 6.15
C LYS A 464 -37.41 3.64 6.76
N ASP A 465 -37.14 4.21 7.94
CA ASP A 465 -38.15 4.99 8.64
C ASP A 465 -38.36 6.37 8.02
N ASP A 466 -37.41 6.85 7.22
CA ASP A 466 -37.46 8.24 6.79
C ASP A 466 -36.51 8.37 5.59
N VAL A 467 -37.06 8.30 4.37
CA VAL A 467 -36.16 8.25 3.21
C VAL A 467 -35.55 9.60 2.90
N ARG A 468 -35.93 10.64 3.65
CA ARG A 468 -35.22 11.91 3.56
C ARG A 468 -33.75 11.77 3.97
N PHE A 469 -33.42 10.72 4.74
CA PHE A 469 -32.08 10.53 5.28
C PHE A 469 -31.53 9.18 4.86
N THR A 470 -30.24 8.98 5.13
CA THR A 470 -29.52 7.80 4.66
C THR A 470 -28.77 7.17 5.81
N ASN A 471 -28.44 5.89 5.60
CA ASN A 471 -27.62 5.11 6.52
C ASN A 471 -26.17 5.46 6.27
N SER A 472 -25.78 6.67 6.69
CA SER A 472 -24.47 7.19 6.32
C SER A 472 -24.00 8.17 7.40
N TYR A 473 -22.69 8.45 7.40
CA TYR A 473 -22.13 9.41 8.35
C TYR A 473 -20.93 10.10 7.71
N ASP A 474 -20.56 11.24 8.29
CA ASP A 474 -19.29 11.91 7.99
C ASP A 474 -18.48 12.00 9.27
N MET A 475 -17.16 11.90 9.14
CA MET A 475 -16.22 12.21 10.21
C MET A 475 -15.49 13.51 9.93
N PHE A 476 -15.20 14.24 11.01
CA PHE A 476 -14.58 15.55 10.93
C PHE A 476 -13.35 15.58 11.83
N ILE A 477 -12.28 16.19 11.32
CA ILE A 477 -11.09 16.49 12.09
C ILE A 477 -10.86 17.98 12.01
N ARG A 478 -10.74 18.64 13.17
CA ARG A 478 -10.59 20.09 13.24
C ARG A 478 -11.60 20.81 12.35
N GLY A 479 -12.86 20.36 12.38
CA GLY A 479 -13.92 21.07 11.68
C GLY A 479 -13.98 20.84 10.18
N GLU A 480 -13.26 19.84 9.66
CA GLU A 480 -13.23 19.58 8.24
C GLU A 480 -13.45 18.10 7.98
N GLU A 481 -14.27 17.81 6.97
CA GLU A 481 -14.64 16.44 6.63
C GLU A 481 -13.40 15.64 6.23
N ILE A 482 -13.24 14.46 6.81
CA ILE A 482 -12.12 13.60 6.46
C ILE A 482 -12.56 12.25 5.89
N SER A 483 -13.78 11.81 6.15
CA SER A 483 -14.22 10.49 5.68
C SER A 483 -15.74 10.43 5.70
N SER A 484 -16.32 9.80 4.67
CA SER A 484 -17.73 9.48 4.62
C SER A 484 -17.88 7.97 4.60
N GLY A 485 -18.76 7.44 5.44
CA GLY A 485 -19.07 6.01 5.44
C GLY A 485 -20.56 5.77 5.30
N ALA A 486 -20.91 4.60 4.76
CA ALA A 486 -22.33 4.31 4.58
C ALA A 486 -22.57 2.83 4.32
N GLN A 487 -23.79 2.41 4.61
CA GLN A 487 -24.31 1.18 4.00
C GLN A 487 -24.62 1.42 2.54
N ARG A 488 -24.22 0.48 1.68
CA ARG A 488 -24.54 0.54 0.27
C ARG A 488 -25.88 -0.15 -0.02
N ILE A 489 -26.41 0.12 -1.21
CA ILE A 489 -27.62 -0.56 -1.67
C ILE A 489 -27.17 -1.85 -2.34
N HIS A 490 -27.48 -3.00 -1.75
CA HIS A 490 -27.01 -4.27 -2.30
C HIS A 490 -28.07 -4.93 -3.17
N ASP A 491 -29.26 -4.32 -3.28
CA ASP A 491 -30.32 -4.82 -4.14
C ASP A 491 -30.25 -4.14 -5.50
N PRO A 492 -30.12 -4.89 -6.60
CA PRO A 492 -29.96 -4.24 -7.91
C PRO A 492 -31.12 -3.32 -8.30
N ASP A 493 -32.35 -3.71 -7.98
CA ASP A 493 -33.49 -2.92 -8.44
C ASP A 493 -33.61 -1.62 -7.67
N LEU A 494 -33.40 -1.65 -6.34
CA LEU A 494 -33.44 -0.41 -5.59
C LEU A 494 -32.27 0.49 -5.95
N LEU A 495 -31.13 -0.10 -6.31
CA LEU A 495 -29.99 0.68 -6.73
C LEU A 495 -30.28 1.44 -8.03
N LEU A 496 -30.93 0.78 -8.98
CA LEU A 496 -31.35 1.50 -10.19
C LEU A 496 -32.40 2.55 -9.88
N ALA A 497 -33.32 2.24 -8.96
CA ALA A 497 -34.36 3.19 -8.60
C ALA A 497 -33.79 4.45 -7.96
N ARG A 498 -32.80 4.31 -7.07
CA ARG A 498 -32.24 5.51 -6.46
C ARG A 498 -31.45 6.32 -7.49
N ALA A 499 -30.71 5.65 -8.38
CA ALA A 499 -30.00 6.35 -9.44
C ALA A 499 -30.97 7.13 -10.33
N LYS A 500 -32.12 6.54 -10.64
CA LYS A 500 -33.11 7.23 -11.47
C LYS A 500 -33.62 8.48 -10.76
N MET A 501 -33.95 8.35 -9.47
CA MET A 501 -34.40 9.50 -8.68
C MET A 501 -33.38 10.62 -8.70
N LEU A 502 -32.09 10.28 -8.66
CA LEU A 502 -31.02 11.26 -8.64
C LEU A 502 -30.60 11.70 -10.03
N ASN A 503 -31.27 11.19 -11.07
CA ASN A 503 -30.97 11.49 -12.47
C ASN A 503 -29.54 11.08 -12.82
N VAL A 504 -29.07 9.98 -12.24
CA VAL A 504 -27.72 9.47 -12.49
C VAL A 504 -27.80 8.37 -13.53
N ASP A 505 -26.90 8.40 -14.49
CA ASP A 505 -26.90 7.51 -15.63
C ASP A 505 -26.00 6.31 -15.34
N LEU A 506 -26.60 5.14 -15.27
CA LEU A 506 -25.86 3.93 -14.95
C LEU A 506 -25.46 3.13 -16.18
N THR A 507 -25.84 3.58 -17.38
CA THR A 507 -25.38 2.92 -18.60
C THR A 507 -23.88 2.69 -18.65
N PRO A 508 -23.01 3.59 -18.17
CA PRO A 508 -21.57 3.30 -18.23
C PRO A 508 -21.07 2.33 -17.18
N ILE A 509 -21.90 1.81 -16.27
CA ILE A 509 -21.36 0.91 -15.24
C ILE A 509 -22.24 -0.32 -15.05
N LYS A 510 -22.63 -0.96 -16.16
CA LYS A 510 -23.51 -2.12 -16.03
C LYS A 510 -22.88 -3.24 -15.21
N GLU A 511 -21.55 -3.40 -15.25
CA GLU A 511 -20.95 -4.54 -14.56
C GLU A 511 -21.07 -4.40 -13.04
N TYR A 512 -20.96 -3.19 -12.53
CA TYR A 512 -21.13 -2.96 -11.11
C TYR A 512 -22.55 -3.36 -10.66
N VAL A 513 -23.56 -2.88 -11.36
CA VAL A 513 -24.94 -3.29 -11.06
C VAL A 513 -25.08 -4.81 -11.18
N ASP A 514 -24.54 -5.38 -12.26
CA ASP A 514 -24.62 -6.82 -12.47
C ASP A 514 -23.96 -7.61 -11.34
N SER A 515 -22.96 -7.04 -10.66
CA SER A 515 -22.29 -7.77 -9.59
C SER A 515 -23.20 -8.03 -8.39
N PHE A 516 -24.35 -7.39 -8.31
CA PHE A 516 -25.28 -7.62 -7.21
C PHE A 516 -26.40 -8.58 -7.57
N ARG A 517 -26.40 -9.13 -8.78
CA ARG A 517 -27.55 -9.87 -9.27
C ARG A 517 -27.48 -11.36 -8.96
N LEU A 518 -26.31 -11.87 -8.59
CA LEU A 518 -26.08 -13.30 -8.36
C LEU A 518 -25.95 -13.58 -6.87
N GLY A 519 -26.80 -12.95 -6.08
CA GLY A 519 -26.72 -12.99 -4.64
C GLY A 519 -25.73 -11.94 -4.14
N ALA A 520 -26.15 -11.08 -3.23
CA ALA A 520 -25.28 -10.01 -2.76
C ALA A 520 -25.29 -9.97 -1.23
N TRP A 521 -24.12 -9.69 -0.64
CA TRP A 521 -24.01 -9.47 0.81
C TRP A 521 -24.37 -8.02 1.16
N PRO A 522 -25.15 -7.80 2.24
CA PRO A 522 -25.23 -6.44 2.79
C PRO A 522 -23.83 -5.96 3.17
N HIS A 523 -23.53 -4.70 2.86
CA HIS A 523 -22.17 -4.23 3.05
C HIS A 523 -22.14 -2.71 3.13
N GLY A 524 -20.97 -2.18 3.53
CA GLY A 524 -20.75 -0.75 3.66
C GLY A 524 -19.27 -0.47 3.76
N GLY A 525 -18.90 0.80 3.78
CA GLY A 525 -17.48 1.09 3.75
C GLY A 525 -17.24 2.58 3.89
N PHE A 526 -15.98 2.98 3.73
CA PHE A 526 -15.60 4.38 3.86
C PHE A 526 -14.26 4.59 3.17
N GLY A 527 -13.94 5.86 2.88
CA GLY A 527 -12.65 6.21 2.32
C GLY A 527 -12.05 7.38 3.08
N ILE A 528 -10.71 7.48 3.04
CA ILE A 528 -9.98 8.53 3.75
C ILE A 528 -8.88 9.05 2.83
N GLY A 529 -8.78 10.38 2.67
CA GLY A 529 -7.64 10.95 1.97
C GLY A 529 -6.37 10.98 2.82
N LEU A 530 -5.28 10.38 2.32
CA LEU A 530 -4.08 10.25 3.15
C LEU A 530 -3.43 11.61 3.43
N GLU A 531 -3.16 12.38 2.37
CA GLU A 531 -2.59 13.70 2.55
C GLU A 531 -3.48 14.59 3.41
N ARG A 532 -4.80 14.51 3.22
CA ARG A 532 -5.69 15.36 4.03
C ARG A 532 -5.69 14.95 5.50
N VAL A 533 -5.62 13.64 5.79
CA VAL A 533 -5.59 13.28 7.19
C VAL A 533 -4.29 13.76 7.84
N VAL A 534 -3.15 13.68 7.14
CA VAL A 534 -1.89 14.20 7.71
C VAL A 534 -2.00 15.70 7.90
N MET A 535 -2.57 16.39 6.91
CA MET A 535 -2.71 17.84 6.99
C MET A 535 -3.59 18.25 8.16
N LEU A 536 -4.76 17.62 8.31
CA LEU A 536 -5.66 18.04 9.39
C LEU A 536 -5.12 17.62 10.76
N TYR A 537 -4.54 16.42 10.85
CA TYR A 537 -3.92 15.98 12.09
C TYR A 537 -2.88 16.97 12.60
N LEU A 538 -2.02 17.44 11.70
CA LEU A 538 -0.94 18.35 12.05
C LEU A 538 -1.36 19.82 11.96
N GLY A 539 -2.57 20.09 11.47
CA GLY A 539 -3.02 21.46 11.31
C GLY A 539 -2.26 22.27 10.27
N LEU A 540 -1.78 21.64 9.21
CA LEU A 540 -0.97 22.33 8.20
C LEU A 540 -1.84 23.27 7.36
N SER A 541 -1.22 24.33 6.83
CA SER A 541 -1.98 25.35 6.10
C SER A 541 -2.32 24.95 4.66
N ASN A 542 -1.66 23.94 4.11
CA ASN A 542 -1.78 23.64 2.69
C ASN A 542 -1.55 22.15 2.49
N VAL A 543 -2.46 21.51 1.75
CA VAL A 543 -2.36 20.07 1.54
C VAL A 543 -1.09 19.70 0.77
N ARG A 544 -0.51 20.63 0.01
CA ARG A 544 0.72 20.37 -0.72
C ARG A 544 1.89 20.13 0.22
N LEU A 545 1.79 20.57 1.49
CA LEU A 545 2.86 20.26 2.44
C LEU A 545 2.89 18.78 2.81
N ALA A 546 1.83 18.02 2.50
CA ALA A 546 1.73 16.62 2.88
C ALA A 546 1.63 15.70 1.68
N SER A 547 2.00 16.19 0.50
CA SER A 547 2.01 15.40 -0.73
C SER A 547 3.40 15.55 -1.32
N LEU A 548 4.07 14.42 -1.56
CA LEU A 548 5.50 14.45 -1.85
C LEU A 548 5.80 15.28 -3.10
N PHE A 549 5.12 14.99 -4.22
CA PHE A 549 5.29 15.75 -5.46
C PHE A 549 3.89 16.12 -5.91
N PRO A 550 3.35 17.26 -5.46
CA PRO A 550 1.90 17.48 -5.56
C PRO A 550 1.44 17.65 -7.01
N ARG A 551 0.16 17.35 -7.22
CA ARG A 551 -0.51 17.53 -8.49
C ARG A 551 -1.71 18.44 -8.25
N ASP A 552 -1.81 19.51 -9.01
CA ASP A 552 -3.04 20.30 -8.99
C ASP A 552 -3.24 20.77 -10.43
N PRO A 553 -4.33 21.49 -10.76
CA PRO A 553 -4.55 21.82 -12.17
C PRO A 553 -3.39 22.54 -12.84
N GLN A 554 -2.59 23.29 -12.08
CA GLN A 554 -1.49 24.04 -12.68
C GLN A 554 -0.13 23.36 -12.49
N ARG A 555 -0.06 22.23 -11.82
CA ARG A 555 1.23 21.63 -11.47
C ARG A 555 1.24 20.15 -11.84
N THR A 556 2.12 19.80 -12.79
CA THR A 556 2.44 18.41 -13.08
C THR A 556 3.95 18.13 -12.99
N THR A 557 4.72 19.06 -12.41
CA THR A 557 6.17 18.91 -12.24
C THR A 557 6.54 19.34 -10.82
N PRO A 558 7.64 18.80 -10.27
CA PRO A 558 8.43 17.65 -10.76
C PRO A 558 7.55 16.39 -10.85
N ALA B 43 -61.24 -19.81 2.48
CA ALA B 43 -60.08 -19.47 1.66
C ALA B 43 -59.19 -18.46 2.39
N ASP B 44 -59.51 -18.22 3.66
CA ASP B 44 -58.86 -17.20 4.46
C ASP B 44 -58.01 -17.77 5.60
N GLU B 45 -58.44 -18.87 6.21
CA GLU B 45 -57.57 -19.57 7.16
C GLU B 45 -56.31 -20.05 6.47
N LYS B 46 -56.43 -20.52 5.22
CA LYS B 46 -55.25 -20.87 4.42
C LYS B 46 -54.37 -19.64 4.20
N ALA B 47 -54.99 -18.47 4.01
CA ALA B 47 -54.21 -17.24 3.87
C ALA B 47 -53.52 -16.86 5.18
N ALA B 48 -54.15 -17.14 6.31
CA ALA B 48 -53.51 -16.89 7.60
C ALA B 48 -52.35 -17.83 7.87
N LEU B 49 -52.33 -19.01 7.24
CA LEU B 49 -51.19 -19.92 7.37
C LEU B 49 -49.94 -19.34 6.71
N VAL B 50 -50.12 -18.50 5.69
CA VAL B 50 -48.98 -17.78 5.11
C VAL B 50 -48.33 -16.89 6.17
N GLU B 51 -49.13 -16.22 6.99
CA GLU B 51 -48.56 -15.34 8.01
C GLU B 51 -47.90 -16.12 9.13
N LYS B 52 -48.35 -17.35 9.39
CA LYS B 52 -47.75 -18.16 10.46
C LYS B 52 -46.34 -18.59 10.08
N TYR B 53 -46.14 -19.00 8.83
CA TYR B 53 -44.85 -19.53 8.38
C TYR B 53 -43.85 -18.44 8.01
N LYS B 54 -44.23 -17.16 8.03
CA LYS B 54 -43.31 -16.10 7.66
C LYS B 54 -42.13 -16.02 8.61
N ALA B 55 -42.34 -16.33 9.90
CA ALA B 55 -41.25 -16.29 10.85
C ALA B 55 -40.34 -17.50 10.74
N VAL B 56 -40.78 -18.57 10.08
CA VAL B 56 -40.00 -19.79 9.93
C VAL B 56 -39.22 -19.80 8.62
N PHE B 57 -39.80 -19.31 7.53
CA PHE B 57 -39.09 -19.34 6.25
C PHE B 57 -39.67 -18.31 5.30
N GLY B 58 -38.91 -17.97 4.27
CA GLY B 58 -39.37 -17.07 3.24
C GLY B 58 -38.30 -16.05 2.92
N ALA B 59 -38.71 -14.91 2.40
CA ALA B 59 -37.79 -13.83 2.06
C ALA B 59 -37.73 -12.85 3.21
N ALA B 60 -36.56 -12.67 3.80
CA ALA B 60 -36.46 -11.72 4.90
C ALA B 60 -36.54 -10.29 4.36
N PRO B 61 -36.95 -9.33 5.19
CA PRO B 61 -36.88 -7.93 4.76
C PRO B 61 -35.45 -7.55 4.46
N MET B 62 -35.28 -6.65 3.50
CA MET B 62 -33.96 -6.21 3.09
C MET B 62 -33.21 -5.65 4.28
N VAL B 63 -31.95 -6.06 4.44
CA VAL B 63 -31.12 -5.57 5.54
C VAL B 63 -30.91 -4.08 5.37
N GLN B 64 -31.44 -3.29 6.32
CA GLN B 64 -31.50 -1.84 6.08
C GLN B 64 -31.16 -1.06 7.35
N SER B 65 -30.29 -1.60 8.21
CA SER B 65 -29.84 -0.91 9.43
C SER B 65 -31.02 -0.47 10.30
N THR B 66 -31.94 -1.40 10.53
CA THR B 66 -33.03 -1.15 11.46
C THR B 66 -32.75 -1.74 12.84
N THR B 67 -31.77 -2.62 12.96
CA THR B 67 -31.39 -3.23 14.22
C THR B 67 -29.88 -3.21 14.31
N TYR B 68 -29.37 -3.28 15.54
CA TYR B 68 -27.92 -3.30 15.77
C TYR B 68 -27.60 -4.31 16.87
N LYS B 69 -26.79 -5.31 16.52
CA LYS B 69 -26.35 -6.35 17.47
C LYS B 69 -27.54 -7.03 18.16
N SER B 70 -28.64 -7.18 17.44
CA SER B 70 -29.82 -7.82 18.02
C SER B 70 -29.74 -9.35 17.99
N ARG B 71 -28.91 -9.93 17.12
CA ARG B 71 -28.69 -11.36 17.07
C ARG B 71 -27.19 -11.62 16.94
N THR B 72 -26.79 -12.84 17.26
CA THR B 72 -25.42 -13.29 17.09
C THR B 72 -25.30 -14.03 15.77
N HIS B 73 -24.43 -13.54 14.89
CA HIS B 73 -24.21 -14.16 13.58
CA HIS B 73 -24.20 -14.17 13.58
C HIS B 73 -22.89 -14.95 13.61
N ILE B 74 -22.97 -16.26 13.45
CA ILE B 74 -21.79 -17.13 13.46
C ILE B 74 -21.35 -17.34 12.01
N PRO B 75 -20.11 -17.01 11.65
CA PRO B 75 -19.64 -17.32 10.29
C PRO B 75 -19.42 -18.81 10.08
N VAL B 76 -19.54 -19.24 8.82
CA VAL B 76 -19.36 -20.65 8.47
C VAL B 76 -18.00 -21.15 8.93
N SER B 77 -16.99 -20.29 8.90
CA SER B 77 -15.64 -20.69 9.30
C SER B 77 -15.55 -21.14 10.75
N GLU B 78 -16.45 -20.68 11.61
CA GLU B 78 -16.37 -21.02 13.02
C GLU B 78 -17.15 -22.27 13.41
N LEU B 79 -17.75 -22.98 12.45
CA LEU B 79 -18.72 -24.00 12.80
C LEU B 79 -18.08 -25.24 13.39
N SER B 80 -16.79 -25.45 13.19
CA SER B 80 -16.11 -26.59 13.79
C SER B 80 -15.57 -26.30 15.18
N ARG B 81 -15.76 -25.09 15.69
CA ARG B 81 -15.47 -24.81 17.09
C ARG B 81 -16.20 -25.81 17.98
N PRO B 82 -15.49 -26.54 18.86
CA PRO B 82 -16.13 -27.66 19.57
C PRO B 82 -17.28 -27.23 20.47
N GLU B 83 -17.23 -26.03 21.04
CA GLU B 83 -18.26 -25.58 21.95
C GLU B 83 -19.59 -25.28 21.27
N LEU B 84 -19.65 -25.30 19.93
CA LEU B 84 -20.89 -25.05 19.24
C LEU B 84 -21.69 -26.32 18.95
N VAL B 85 -21.12 -27.49 19.19
CA VAL B 85 -21.85 -28.73 18.93
C VAL B 85 -23.14 -28.72 19.73
N ASP B 86 -24.24 -29.10 19.07
CA ASP B 86 -25.57 -29.23 19.66
C ASP B 86 -26.18 -27.88 20.00
N LYS B 87 -25.52 -26.78 19.65
CA LYS B 87 -26.06 -25.44 19.85
C LYS B 87 -26.81 -24.98 18.61
N THR B 88 -27.82 -24.14 18.83
CA THR B 88 -28.57 -23.53 17.74
C THR B 88 -27.94 -22.17 17.42
N VAL B 89 -27.52 -21.99 16.16
CA VAL B 89 -26.79 -20.79 15.74
C VAL B 89 -27.52 -20.17 14.55
N LEU B 90 -27.16 -18.92 14.26
CA LEU B 90 -27.65 -18.19 13.10
C LEU B 90 -26.47 -17.96 12.16
N ILE B 91 -26.65 -18.37 10.89
CA ILE B 91 -25.58 -18.42 9.90
CA ILE B 91 -25.57 -18.40 9.91
C ILE B 91 -26.05 -17.70 8.65
N ARG B 92 -25.19 -16.86 8.08
CA ARG B 92 -25.43 -16.28 6.76
C ARG B 92 -24.44 -16.88 5.77
N ALA B 93 -24.94 -17.41 4.66
CA ALA B 93 -24.08 -18.16 3.76
C ALA B 93 -24.69 -18.17 2.37
N ARG B 94 -23.87 -18.58 1.39
CA ARG B 94 -24.35 -18.78 0.03
C ARG B 94 -24.90 -20.18 -0.13
N VAL B 95 -25.93 -20.30 -0.97
CA VAL B 95 -26.44 -21.60 -1.38
C VAL B 95 -25.56 -22.13 -2.52
N SER B 96 -24.71 -23.12 -2.23
CA SER B 96 -23.93 -23.77 -3.28
CA SER B 96 -23.93 -23.74 -3.29
C SER B 96 -24.81 -24.69 -4.11
N THR B 97 -25.69 -25.42 -3.44
CA THR B 97 -26.62 -26.33 -4.06
C THR B 97 -27.70 -26.62 -3.04
N THR B 98 -28.90 -26.97 -3.53
CA THR B 98 -30.01 -27.31 -2.67
C THR B 98 -31.01 -28.12 -3.48
N ARG B 99 -31.62 -29.11 -2.85
CA ARG B 99 -32.57 -29.96 -3.55
C ARG B 99 -33.55 -30.55 -2.56
N LYS B 100 -34.82 -30.65 -2.98
CA LYS B 100 -35.82 -31.43 -2.26
C LYS B 100 -35.75 -32.88 -2.71
N LYS B 101 -35.67 -33.81 -1.76
CA LYS B 101 -35.56 -35.23 -2.06
C LYS B 101 -36.31 -36.01 -1.00
N GLY B 102 -37.27 -36.83 -1.41
CA GLY B 102 -38.16 -37.42 -0.43
C GLY B 102 -38.90 -36.33 0.31
N LYS B 103 -38.98 -36.46 1.64
CA LYS B 103 -39.63 -35.47 2.48
C LYS B 103 -38.63 -34.51 3.11
N MET B 104 -37.42 -34.45 2.57
CA MET B 104 -36.34 -33.64 3.14
C MET B 104 -35.76 -32.73 2.08
N ALA B 105 -35.03 -31.72 2.56
CA ALA B 105 -34.24 -30.83 1.72
C ALA B 105 -32.79 -30.91 2.15
N PHE B 106 -31.88 -30.88 1.18
CA PHE B 106 -30.44 -30.95 1.45
C PHE B 106 -29.75 -29.81 0.74
N MET B 107 -28.85 -29.13 1.44
CA MET B 107 -28.16 -27.98 0.91
C MET B 107 -26.68 -28.06 1.25
N VAL B 108 -25.86 -27.43 0.43
CA VAL B 108 -24.50 -27.11 0.84
C VAL B 108 -24.43 -25.60 0.93
N LEU B 109 -24.01 -25.13 2.11
CA LEU B 109 -23.81 -23.72 2.39
C LEU B 109 -22.32 -23.41 2.31
N ARG B 110 -22.01 -22.23 1.81
CA ARG B 110 -20.63 -21.87 1.49
C ARG B 110 -20.38 -20.42 1.83
N ASP B 111 -19.15 -20.15 2.26
CA ASP B 111 -18.63 -18.80 2.45
C ASP B 111 -17.15 -18.87 2.09
N GLY B 112 -16.83 -18.57 0.85
CA GLY B 112 -15.45 -18.64 0.41
C GLY B 112 -14.96 -20.07 0.51
N SER B 113 -13.87 -20.28 1.24
CA SER B 113 -13.23 -21.60 1.31
C SER B 113 -13.91 -22.56 2.30
N ASP B 114 -14.90 -22.10 3.06
CA ASP B 114 -15.55 -22.91 4.07
C ASP B 114 -16.93 -23.31 3.59
N SER B 115 -17.27 -24.58 3.73
CA SER B 115 -18.60 -25.03 3.34
C SER B 115 -19.07 -26.07 4.34
N VAL B 116 -20.40 -26.24 4.41
CA VAL B 116 -20.99 -27.16 5.38
C VAL B 116 -22.29 -27.72 4.78
N GLN B 117 -22.58 -28.98 5.13
CA GLN B 117 -23.85 -29.60 4.77
C GLN B 117 -24.96 -29.10 5.69
N ALA B 118 -26.15 -28.90 5.12
CA ALA B 118 -27.35 -28.52 5.86
C ALA B 118 -28.50 -29.40 5.38
N MET B 119 -29.46 -29.66 6.27
CA MET B 119 -30.61 -30.45 5.86
C MET B 119 -31.78 -30.11 6.77
N ALA B 120 -32.98 -30.34 6.25
CA ALA B 120 -34.18 -30.13 7.05
C ALA B 120 -35.16 -31.25 6.74
N ALA B 121 -35.94 -31.62 7.76
CA ALA B 121 -36.97 -32.63 7.63
C ALA B 121 -38.25 -32.11 8.28
N VAL B 122 -39.38 -32.64 7.82
CA VAL B 122 -40.67 -32.24 8.36
C VAL B 122 -40.75 -32.68 9.80
N GLU B 123 -40.83 -31.70 10.72
CA GLU B 123 -41.01 -31.93 12.14
C GLU B 123 -42.18 -31.08 12.61
N GLY B 124 -42.45 -31.10 13.91
CA GLY B 124 -43.48 -30.23 14.45
C GLY B 124 -43.16 -28.77 14.20
N ASP B 125 -41.92 -28.38 14.49
CA ASP B 125 -41.49 -27.01 14.28
C ASP B 125 -41.33 -26.66 12.81
N VAL B 126 -41.12 -27.66 11.95
CA VAL B 126 -40.74 -27.44 10.56
C VAL B 126 -41.81 -28.00 9.65
N PRO B 127 -42.52 -27.17 8.89
CA PRO B 127 -43.57 -27.67 8.00
C PRO B 127 -43.04 -28.09 6.64
N LYS B 128 -43.84 -28.93 5.96
CA LYS B 128 -43.50 -29.40 4.62
C LYS B 128 -43.28 -28.25 3.65
N GLU B 129 -43.98 -27.13 3.85
CA GLU B 129 -43.79 -25.99 2.95
C GLU B 129 -42.38 -25.40 3.06
N MET B 130 -41.73 -25.54 4.22
CA MET B 130 -40.35 -25.06 4.33
C MET B 130 -39.41 -25.92 3.49
N ILE B 131 -39.64 -27.24 3.48
CA ILE B 131 -38.84 -28.14 2.66
C ILE B 131 -38.98 -27.77 1.18
N ASP B 132 -40.21 -27.53 0.73
CA ASP B 132 -40.40 -27.05 -0.64
C ASP B 132 -39.66 -25.73 -0.86
N PHE B 133 -39.73 -24.82 0.11
CA PHE B 133 -39.07 -23.53 -0.06
C PHE B 133 -37.56 -23.71 -0.17
N MET B 134 -36.97 -24.51 0.72
CA MET B 134 -35.53 -24.74 0.66
C MET B 134 -35.12 -25.35 -0.67
N GLY B 135 -35.87 -26.33 -1.16
CA GLY B 135 -35.48 -27.01 -2.38
C GLY B 135 -35.41 -26.12 -3.61
N GLN B 136 -36.13 -25.00 -3.61
CA GLN B 136 -36.27 -24.17 -4.80
C GLN B 136 -35.47 -22.86 -4.73
N ILE B 137 -34.78 -22.59 -3.62
CA ILE B 137 -33.96 -21.40 -3.54
C ILE B 137 -32.89 -21.44 -4.63
N ALA B 138 -32.69 -20.32 -5.30
CA ALA B 138 -31.76 -20.28 -6.42
C ALA B 138 -30.32 -20.43 -5.94
N THR B 139 -29.55 -21.24 -6.66
CA THR B 139 -28.11 -21.34 -6.43
C THR B 139 -27.47 -19.97 -6.42
N GLU B 140 -26.60 -19.73 -5.43
CA GLU B 140 -25.82 -18.50 -5.15
C GLU B 140 -26.62 -17.48 -4.35
N SER B 141 -27.88 -17.76 -4.00
CA SER B 141 -28.61 -16.88 -3.10
C SER B 141 -27.92 -16.85 -1.74
N ILE B 142 -28.06 -15.73 -1.04
CA ILE B 142 -27.58 -15.59 0.33
CA ILE B 142 -27.57 -15.64 0.32
C ILE B 142 -28.74 -15.86 1.27
N VAL B 143 -28.55 -16.79 2.22
CA VAL B 143 -29.59 -17.17 3.18
C VAL B 143 -29.10 -16.92 4.59
N ASP B 144 -30.04 -16.57 5.46
CA ASP B 144 -29.87 -16.62 6.90
C ASP B 144 -30.49 -17.92 7.39
N VAL B 145 -29.71 -18.75 8.07
CA VAL B 145 -30.18 -20.04 8.55
C VAL B 145 -30.05 -20.09 10.06
N GLU B 146 -31.12 -20.50 10.73
CA GLU B 146 -31.07 -20.91 12.12
C GLU B 146 -31.03 -22.43 12.16
N ALA B 147 -29.96 -22.99 12.74
CA ALA B 147 -29.69 -24.41 12.61
C ALA B 147 -29.00 -24.93 13.87
N THR B 148 -29.26 -26.19 14.20
CA THR B 148 -28.53 -26.90 15.24
C THR B 148 -27.27 -27.49 14.64
N VAL B 149 -26.14 -27.32 15.33
CA VAL B 149 -24.89 -27.90 14.87
C VAL B 149 -24.83 -29.34 15.37
N CYS B 150 -24.75 -30.29 14.45
CA CYS B 150 -24.72 -31.70 14.78
C CYS B 150 -23.40 -32.30 14.33
N LYS B 151 -22.75 -33.05 15.23
CA LYS B 151 -21.57 -33.82 14.84
C LYS B 151 -22.03 -35.09 14.13
N VAL B 152 -21.36 -35.44 13.04
CA VAL B 152 -21.78 -36.56 12.20
C VAL B 152 -20.55 -37.35 11.80
N GLU B 153 -20.75 -38.66 11.59
CA GLU B 153 -19.73 -39.54 11.06
C GLU B 153 -20.20 -39.98 9.68
N GLN B 154 -19.57 -39.44 8.65
CA GLN B 154 -19.95 -39.73 7.27
C GLN B 154 -18.72 -39.61 6.39
N PRO B 155 -18.72 -40.24 5.21
CA PRO B 155 -17.56 -40.14 4.33
C PRO B 155 -17.29 -38.71 3.91
N ILE B 156 -16.00 -38.39 3.74
CA ILE B 156 -15.61 -37.05 3.37
C ILE B 156 -16.22 -36.71 2.02
N THR B 157 -16.76 -35.49 1.91
CA THR B 157 -17.34 -35.01 0.67
C THR B 157 -16.55 -33.80 0.19
N SER B 158 -17.19 -32.93 -0.58
CA SER B 158 -16.52 -31.73 -1.03
C SER B 158 -16.54 -30.62 0.02
N THR B 159 -17.48 -30.66 0.96
CA THR B 159 -17.57 -29.63 1.98
C THR B 159 -16.38 -29.72 2.94
N SER B 160 -15.93 -28.55 3.41
CA SER B 160 -14.72 -28.50 4.23
C SER B 160 -14.97 -28.78 5.71
N HIS B 161 -16.19 -28.55 6.21
CA HIS B 161 -16.54 -28.94 7.57
C HIS B 161 -17.10 -30.36 7.53
N SER B 162 -16.18 -31.34 7.52
CA SER B 162 -16.56 -32.75 7.37
C SER B 162 -17.25 -33.30 8.61
N ASP B 163 -16.89 -32.79 9.79
CA ASP B 163 -17.28 -33.37 11.05
C ASP B 163 -18.71 -33.02 11.47
N ILE B 164 -19.35 -32.05 10.81
CA ILE B 164 -20.61 -31.50 11.30
C ILE B 164 -21.64 -31.38 10.18
N GLU B 165 -22.90 -31.29 10.57
CA GLU B 165 -24.00 -31.03 9.67
C GLU B 165 -25.02 -30.16 10.38
N LEU B 166 -25.62 -29.22 9.65
CA LEU B 166 -26.60 -28.32 10.23
C LEU B 166 -27.99 -28.91 10.03
N LYS B 167 -28.78 -28.96 11.11
CA LYS B 167 -30.19 -29.32 11.04
C LYS B 167 -30.98 -28.01 11.06
N VAL B 168 -31.64 -27.71 9.95
CA VAL B 168 -32.15 -26.36 9.71
C VAL B 168 -33.53 -26.20 10.36
N LYS B 169 -33.67 -25.18 11.20
CA LYS B 169 -34.93 -24.87 11.89
C LYS B 169 -35.68 -23.72 11.23
N LYS B 170 -34.96 -22.70 10.76
CA LYS B 170 -35.52 -21.60 10.01
C LYS B 170 -34.56 -21.24 8.89
N ILE B 171 -35.13 -20.73 7.79
CA ILE B 171 -34.29 -20.30 6.68
C ILE B 171 -35.00 -19.19 5.92
N HIS B 172 -34.30 -18.08 5.73
CA HIS B 172 -34.83 -16.96 4.97
C HIS B 172 -33.80 -16.54 3.94
N THR B 173 -34.27 -16.13 2.77
CA THR B 173 -33.38 -15.53 1.79
C THR B 173 -33.05 -14.11 2.20
N VAL B 174 -31.75 -13.79 2.20
CA VAL B 174 -31.28 -12.42 2.36
C VAL B 174 -31.33 -11.69 1.02
N THR B 175 -30.66 -12.24 0.01
CA THR B 175 -30.85 -11.81 -1.36
C THR B 175 -30.97 -13.04 -2.25
N GLU B 176 -31.78 -12.94 -3.30
CA GLU B 176 -32.01 -14.04 -4.23
C GLU B 176 -31.12 -13.84 -5.45
N SER B 177 -30.45 -14.91 -5.86
CA SER B 177 -29.67 -14.86 -7.09
C SER B 177 -30.59 -15.04 -8.31
N LEU B 178 -30.22 -14.44 -9.44
CA LEU B 178 -30.81 -14.85 -10.71
C LEU B 178 -30.67 -16.35 -10.86
N ARG B 179 -31.65 -16.98 -11.51
CA ARG B 179 -31.57 -18.42 -11.70
C ARG B 179 -30.71 -18.82 -12.90
N THR B 180 -30.40 -17.88 -13.79
CA THR B 180 -29.44 -18.07 -14.87
C THR B 180 -28.09 -17.53 -14.41
N LEU B 181 -27.13 -18.40 -14.25
CA LEU B 181 -25.78 -17.98 -13.93
C LEU B 181 -24.96 -17.84 -15.22
N PRO B 182 -23.97 -16.93 -15.25
CA PRO B 182 -23.08 -16.87 -16.43
C PRO B 182 -22.25 -18.13 -16.65
N PHE B 183 -22.04 -18.94 -15.61
CA PHE B 183 -21.34 -20.23 -15.58
C PHE B 183 -21.47 -20.73 -14.15
N THR B 184 -21.36 -22.05 -13.98
CA THR B 184 -21.41 -22.60 -12.62
C THR B 184 -20.04 -22.52 -11.96
N LEU B 185 -20.06 -22.48 -10.62
CA LEU B 185 -18.82 -22.49 -9.87
C LEU B 185 -17.99 -23.73 -10.17
N GLU B 186 -18.65 -24.88 -10.26
CA GLU B 186 -17.94 -26.12 -10.53
C GLU B 186 -17.26 -26.09 -11.89
N ASP B 187 -17.95 -25.59 -12.91
CA ASP B 187 -17.32 -25.52 -14.23
C ASP B 187 -16.13 -24.56 -14.21
N ALA B 188 -16.27 -23.44 -13.49
CA ALA B 188 -15.16 -22.50 -13.35
C ALA B 188 -13.98 -23.08 -12.57
N SER B 189 -14.18 -24.18 -11.84
CA SER B 189 -13.17 -24.74 -10.96
C SER B 189 -12.43 -25.91 -11.59
N ARG B 190 -12.73 -26.24 -12.84
CA ARG B 190 -12.13 -27.42 -13.46
C ARG B 190 -10.65 -27.22 -13.78
N LYS B 191 -9.91 -28.31 -13.76
CA LYS B 191 -8.52 -28.27 -14.22
C LYS B 191 -8.48 -27.93 -15.71
N GLU B 192 -7.42 -27.26 -16.15
CA GLU B 192 -7.24 -26.98 -17.56
C GLU B 192 -6.81 -28.24 -18.32
N SER B 193 -7.14 -28.28 -19.62
CA SER B 193 -6.87 -29.44 -20.48
C SER B 193 -5.63 -29.27 -21.35
N LYS B 198 -15.60 -26.41 -19.31
CA LYS B 198 -14.60 -25.35 -19.35
C LYS B 198 -15.22 -23.96 -19.56
N VAL B 199 -14.84 -23.03 -18.71
CA VAL B 199 -15.20 -21.63 -18.84
C VAL B 199 -13.97 -20.91 -19.36
N ASN B 200 -14.07 -20.30 -20.52
CA ASN B 200 -12.83 -19.67 -21.00
C ASN B 200 -12.53 -18.42 -20.19
N LEU B 201 -11.29 -17.98 -20.30
CA LEU B 201 -10.81 -16.92 -19.41
C LEU B 201 -11.58 -15.62 -19.62
N ASP B 202 -11.94 -15.29 -20.85
CA ASP B 202 -12.64 -14.03 -21.02
C ASP B 202 -14.03 -14.06 -20.40
N THR B 203 -14.68 -15.23 -20.43
CA THR B 203 -15.99 -15.35 -19.79
C THR B 203 -15.88 -15.22 -18.28
N ARG B 204 -14.82 -15.80 -17.69
CA ARG B 204 -14.69 -15.70 -16.24
CA ARG B 204 -14.64 -15.70 -16.24
C ARG B 204 -14.32 -14.28 -15.83
N LEU B 205 -13.51 -13.58 -16.65
CA LEU B 205 -13.14 -12.21 -16.32
C LEU B 205 -14.30 -11.26 -16.45
N ASN B 206 -15.21 -11.53 -17.39
CA ASN B 206 -16.37 -10.67 -17.60
C ASN B 206 -17.33 -10.72 -16.40
N SER B 207 -17.39 -11.86 -15.70
CA SER B 207 -18.16 -11.97 -14.46
C SER B 207 -17.25 -12.35 -13.31
N ARG B 208 -16.25 -11.50 -13.10
CA ARG B 208 -15.22 -11.81 -12.13
C ARG B 208 -15.79 -12.03 -10.72
N TRP B 209 -16.88 -11.33 -10.37
CA TRP B 209 -17.44 -11.50 -9.03
C TRP B 209 -17.88 -12.93 -8.80
N MET B 210 -18.28 -13.64 -9.87
CA MET B 210 -18.64 -15.04 -9.74
C MET B 210 -17.39 -15.92 -9.67
N ASP B 211 -16.41 -15.64 -10.51
CA ASP B 211 -15.19 -16.45 -10.54
C ASP B 211 -14.44 -16.38 -9.22
N LEU B 212 -14.43 -15.20 -8.57
CA LEU B 212 -13.72 -15.05 -7.31
C LEU B 212 -14.23 -15.98 -6.24
N ARG B 213 -15.44 -16.52 -6.40
CA ARG B 213 -16.00 -17.43 -5.41
C ARG B 213 -15.39 -18.81 -5.46
N THR B 214 -14.65 -19.16 -6.51
CA THR B 214 -14.05 -20.49 -6.56
C THR B 214 -12.93 -20.62 -5.53
N LEU B 215 -12.56 -21.86 -5.20
CA LEU B 215 -11.52 -22.07 -4.18
C LEU B 215 -10.19 -21.51 -4.64
N ALA B 216 -9.78 -21.81 -5.88
CA ALA B 216 -8.46 -21.41 -6.32
C ALA B 216 -8.37 -19.90 -6.52
N SER B 217 -9.40 -19.31 -7.13
CA SER B 217 -9.37 -17.86 -7.34
C SER B 217 -9.34 -17.11 -6.00
N GLY B 218 -10.20 -17.51 -5.06
CA GLY B 218 -10.12 -16.92 -3.73
C GLY B 218 -8.75 -17.06 -3.10
N ALA B 219 -8.14 -18.24 -3.22
CA ALA B 219 -6.85 -18.47 -2.58
C ALA B 219 -5.75 -17.65 -3.25
N ILE B 220 -5.81 -17.52 -4.58
CA ILE B 220 -4.84 -16.70 -5.31
C ILE B 220 -4.83 -15.27 -4.78
N PHE B 221 -6.02 -14.68 -4.57
CA PHE B 221 -5.98 -13.28 -4.18
C PHE B 221 -5.72 -13.10 -2.69
N ARG B 222 -6.01 -14.10 -1.87
CA ARG B 222 -5.54 -14.05 -0.49
C ARG B 222 -4.01 -14.12 -0.45
N LEU B 223 -3.42 -14.99 -1.24
CA LEU B 223 -1.96 -15.04 -1.30
C LEU B 223 -1.38 -13.74 -1.85
N GLN B 224 -2.06 -13.12 -2.82
CA GLN B 224 -1.58 -11.82 -3.32
C GLN B 224 -1.53 -10.79 -2.20
N SER B 225 -2.56 -10.78 -1.35
CA SER B 225 -2.57 -9.86 -0.21
C SER B 225 -1.43 -10.17 0.75
N ARG B 226 -1.12 -11.46 0.96
CA ARG B 226 -0.01 -11.83 1.83
C ARG B 226 1.34 -11.38 1.27
N VAL B 227 1.53 -11.48 -0.06
CA VAL B 227 2.79 -11.01 -0.66
C VAL B 227 2.99 -9.52 -0.36
N CYS B 228 1.94 -8.71 -0.55
CA CYS B 228 2.03 -7.29 -0.21
C CYS B 228 2.36 -7.09 1.26
N GLN B 229 1.69 -7.84 2.13
CA GLN B 229 1.91 -7.73 3.56
C GLN B 229 3.36 -8.07 3.93
N TYR B 230 3.88 -9.16 3.36
CA TYR B 230 5.22 -9.60 3.77
C TYR B 230 6.29 -8.69 3.18
N PHE B 231 6.10 -8.25 1.94
CA PHE B 231 6.96 -7.22 1.35
C PHE B 231 7.08 -6.00 2.27
N ARG B 232 5.97 -5.44 2.71
CA ARG B 232 6.05 -4.21 3.50
CA ARG B 232 6.04 -4.21 3.50
C ARG B 232 6.61 -4.49 4.89
N GLN B 233 6.20 -5.58 5.51
CA GLN B 233 6.66 -5.82 6.89
C GLN B 233 8.17 -5.99 6.93
N PHE B 234 8.73 -6.76 5.98
CA PHE B 234 10.17 -6.93 5.91
C PHE B 234 10.88 -5.58 5.82
N LEU B 235 10.40 -4.72 4.93
CA LEU B 235 11.06 -3.45 4.70
C LEU B 235 10.83 -2.45 5.85
N ILE B 236 9.63 -2.45 6.44
CA ILE B 236 9.42 -1.63 7.64
C ILE B 236 10.36 -2.06 8.77
N ASP B 237 10.54 -3.37 8.95
CA ASP B 237 11.50 -3.88 9.95
C ASP B 237 12.90 -3.35 9.72
N LYS B 238 13.24 -3.07 8.46
CA LYS B 238 14.57 -2.63 8.06
C LYS B 238 14.64 -1.12 7.89
N ASP B 239 13.66 -0.40 8.43
CA ASP B 239 13.63 1.06 8.44
C ASP B 239 13.49 1.66 7.06
N PHE B 240 12.79 0.98 6.13
CA PHE B 240 12.39 1.63 4.89
C PHE B 240 11.12 2.44 5.12
N CYS B 241 11.09 3.65 4.58
CA CYS B 241 9.95 4.56 4.67
CA CYS B 241 9.93 4.54 4.68
C CYS B 241 9.04 4.37 3.45
N GLU B 242 7.74 4.27 3.68
CA GLU B 242 6.80 4.20 2.55
C GLU B 242 6.64 5.57 1.88
N ILE B 243 6.65 5.61 0.55
CA ILE B 243 6.37 6.85 -0.17
C ILE B 243 5.21 6.63 -1.13
N HIS B 244 4.58 7.73 -1.51
CA HIS B 244 3.55 7.74 -2.55
C HIS B 244 3.92 8.83 -3.53
N SER B 245 4.26 8.42 -4.74
CA SER B 245 4.67 9.36 -5.77
C SER B 245 3.63 9.40 -6.88
N PRO B 246 3.59 10.49 -7.65
CA PRO B 246 2.47 10.69 -8.59
C PRO B 246 2.51 9.73 -9.76
N LYS B 247 1.32 9.31 -10.19
CA LYS B 247 1.23 8.51 -11.40
C LYS B 247 1.00 9.36 -12.63
N ILE B 248 0.53 10.60 -12.47
CA ILE B 248 0.47 11.54 -13.58
C ILE B 248 1.79 12.28 -13.66
N ILE B 249 2.40 12.27 -14.84
CA ILE B 249 3.69 12.91 -15.05
C ILE B 249 3.59 13.83 -16.25
N ASN B 250 4.57 14.73 -16.34
CA ASN B 250 4.54 15.81 -17.31
C ASN B 250 4.90 15.35 -18.72
N ALA B 251 5.79 14.37 -18.85
CA ALA B 251 6.28 13.98 -20.16
C ALA B 251 6.68 12.52 -20.10
N PRO B 252 6.66 11.82 -21.25
CA PRO B 252 6.86 10.36 -21.26
C PRO B 252 8.18 9.81 -20.72
N SER B 253 9.12 10.68 -20.33
CA SER B 253 10.44 10.27 -19.83
C SER B 253 11.30 9.60 -20.91
N VAL B 259 3.84 5.17 -23.07
CA VAL B 259 3.22 6.50 -23.08
C VAL B 259 1.71 6.42 -23.22
N PHE B 260 1.01 6.48 -22.08
CA PHE B 260 -0.43 6.71 -22.05
C PHE B 260 -0.65 8.22 -21.89
N LYS B 261 -1.08 8.89 -22.95
CA LYS B 261 -1.28 10.33 -22.92
C LYS B 261 -2.69 10.63 -22.43
N LEU B 262 -2.82 11.58 -21.50
CA LEU B 262 -4.13 11.95 -20.99
C LEU B 262 -4.37 13.45 -21.14
N GLU B 263 -5.64 13.81 -21.22
CA GLU B 263 -6.04 15.21 -21.23
C GLU B 263 -5.98 15.73 -19.80
N TYR B 264 -5.23 16.83 -19.58
CA TYR B 264 -5.01 17.34 -18.24
C TYR B 264 -5.35 18.84 -18.24
N PHE B 265 -6.63 19.14 -18.06
CA PHE B 265 -7.17 20.50 -18.10
C PHE B 265 -6.82 21.09 -19.47
N ASN B 266 -6.01 22.13 -19.55
CA ASN B 266 -5.80 22.72 -20.86
C ASN B 266 -4.72 22.02 -21.68
N ARG B 267 -4.03 21.04 -21.12
CA ARG B 267 -2.85 20.49 -21.77
C ARG B 267 -2.86 18.96 -21.66
N PHE B 268 -1.71 18.36 -21.94
CA PHE B 268 -1.55 16.92 -21.88
C PHE B 268 -0.61 16.52 -20.75
N ALA B 269 -0.86 15.32 -20.23
CA ALA B 269 0.04 14.68 -19.27
C ALA B 269 0.08 13.20 -19.63
N TYR B 270 0.78 12.42 -18.83
CA TYR B 270 1.04 11.01 -19.16
C TYR B 270 1.02 10.20 -17.89
N LEU B 271 0.85 8.89 -18.03
CA LEU B 271 0.88 7.98 -16.90
C LEU B 271 2.29 7.42 -16.71
N ALA B 272 2.72 7.36 -15.46
CA ALA B 272 4.07 6.86 -15.15
C ALA B 272 4.17 5.35 -15.35
N GLN B 273 5.28 4.92 -15.98
CA GLN B 273 5.54 3.49 -16.14
C GLN B 273 5.92 2.85 -14.82
N SER B 274 6.47 3.65 -13.92
CA SER B 274 6.96 3.17 -12.64
C SER B 274 7.34 4.38 -11.81
N PRO B 275 7.49 4.22 -10.50
CA PRO B 275 7.98 5.32 -9.67
C PRO B 275 9.49 5.53 -9.73
N GLN B 276 10.20 4.91 -10.69
CA GLN B 276 11.66 4.96 -10.77
C GLN B 276 12.26 6.35 -10.50
N LEU B 277 11.85 7.35 -11.26
CA LEU B 277 12.50 8.64 -11.14
C LEU B 277 12.22 9.26 -9.77
N TYR B 278 10.97 9.13 -9.26
CA TYR B 278 10.65 9.73 -7.97
C TYR B 278 11.32 9.03 -6.81
N LYS B 279 11.44 7.70 -6.87
CA LYS B 279 12.04 7.04 -5.71
C LYS B 279 13.51 7.41 -5.61
N GLN B 280 14.16 7.73 -6.73
CA GLN B 280 15.52 8.25 -6.66
C GLN B 280 15.55 9.68 -6.13
N MET B 281 14.62 10.53 -6.60
CA MET B 281 14.64 11.93 -6.19
C MET B 281 14.44 12.07 -4.68
N VAL B 282 13.61 11.19 -4.08
CA VAL B 282 13.33 11.32 -2.65
CA VAL B 282 13.33 11.33 -2.65
C VAL B 282 14.57 11.02 -1.82
N LEU B 283 15.41 10.09 -2.28
CA LEU B 283 16.69 9.87 -1.58
C LEU B 283 17.53 11.14 -1.58
N GLN B 284 17.43 11.96 -2.64
CA GLN B 284 18.17 13.22 -2.64
C GLN B 284 17.54 14.27 -1.73
N GLY B 285 16.37 14.00 -1.17
CA GLY B 285 15.79 14.74 -0.06
C GLY B 285 16.21 14.22 1.29
N ASP B 286 17.23 13.34 1.33
CA ASP B 286 17.87 12.73 2.50
C ASP B 286 17.04 11.65 3.20
N VAL B 287 15.99 11.13 2.58
CA VAL B 287 15.34 9.93 3.11
C VAL B 287 16.24 8.73 2.81
N PRO B 288 16.69 7.96 3.82
CA PRO B 288 17.73 6.94 3.54
C PRO B 288 17.26 5.77 2.71
N ARG B 289 16.01 5.32 2.88
CA ARG B 289 15.54 4.13 2.16
CA ARG B 289 15.54 4.15 2.13
C ARG B 289 14.02 4.19 2.09
N VAL B 290 13.47 3.79 0.94
CA VAL B 290 12.05 3.96 0.66
C VAL B 290 11.51 2.71 -0.03
N PHE B 291 10.19 2.53 0.07
CA PHE B 291 9.48 1.56 -0.76
C PHE B 291 8.16 2.17 -1.21
N GLU B 292 7.61 1.61 -2.28
CA GLU B 292 6.31 2.07 -2.77
C GLU B 292 5.55 0.86 -3.28
N VAL B 293 4.25 0.83 -3.01
CA VAL B 293 3.37 -0.18 -3.56
C VAL B 293 2.28 0.59 -4.30
N GLY B 294 2.21 0.44 -5.62
CA GLY B 294 1.17 1.16 -6.31
C GLY B 294 1.09 0.77 -7.77
N PRO B 295 0.10 1.32 -8.47
CA PRO B 295 -0.08 0.97 -9.88
C PRO B 295 1.07 1.43 -10.75
N VAL B 296 1.32 0.62 -11.79
CA VAL B 296 2.25 0.96 -12.85
C VAL B 296 1.58 0.62 -14.17
N PHE B 297 2.03 1.26 -15.24
CA PHE B 297 1.32 1.25 -16.52
C PHE B 297 2.35 1.01 -17.61
N ARG B 298 2.08 0.07 -18.51
CA ARG B 298 3.01 -0.25 -19.57
C ARG B 298 2.21 -0.35 -20.86
N SER B 299 2.48 0.56 -21.80
CA SER B 299 1.81 0.49 -23.09
C SER B 299 2.54 -0.42 -24.07
N GLU B 300 3.81 -0.75 -23.81
CA GLU B 300 4.59 -1.57 -24.72
C GLU B 300 4.91 -2.93 -24.13
N ASN B 303 0.23 -8.07 -26.23
CA ASN B 303 -0.74 -8.82 -25.43
C ASN B 303 -0.40 -10.31 -25.35
N THR B 304 0.33 -10.69 -24.33
CA THR B 304 0.67 -12.08 -24.08
C THR B 304 -0.05 -12.58 -22.84
N HIS B 305 0.00 -13.90 -22.67
CA HIS B 305 -0.48 -14.54 -21.45
C HIS B 305 0.31 -14.14 -20.22
N ARG B 306 1.42 -13.42 -20.37
CA ARG B 306 2.28 -13.13 -19.25
C ARG B 306 2.28 -11.67 -18.84
N HIS B 307 1.69 -10.76 -19.63
CA HIS B 307 1.81 -9.33 -19.35
C HIS B 307 0.48 -8.60 -19.44
N LEU B 308 0.41 -7.51 -18.67
CA LEU B 308 -0.76 -6.63 -18.50
C LEU B 308 -0.39 -5.19 -18.83
N THR B 309 -1.40 -4.36 -19.14
CA THR B 309 -1.12 -2.95 -19.38
C THR B 309 -1.11 -2.13 -18.10
N GLU B 310 -1.85 -2.56 -17.08
CA GLU B 310 -1.81 -1.92 -15.78
C GLU B 310 -1.58 -3.03 -14.76
N PHE B 311 -0.66 -2.81 -13.82
CA PHE B 311 -0.48 -3.79 -12.75
C PHE B 311 0.07 -3.06 -11.53
N VAL B 312 0.56 -3.82 -10.56
CA VAL B 312 0.98 -3.25 -9.29
C VAL B 312 2.48 -3.45 -9.13
N GLY B 313 3.21 -2.37 -8.90
CA GLY B 313 4.64 -2.43 -8.68
C GLY B 313 4.99 -2.42 -7.20
N LEU B 314 5.95 -3.28 -6.83
CA LEU B 314 6.53 -3.28 -5.48
C LEU B 314 7.94 -2.76 -5.66
N ASP B 315 8.17 -1.52 -5.21
CA ASP B 315 9.40 -0.83 -5.57
C ASP B 315 10.21 -0.48 -4.33
N VAL B 316 11.54 -0.52 -4.48
CA VAL B 316 12.48 -0.26 -3.39
C VAL B 316 13.63 0.60 -3.93
N GLU B 317 14.09 1.55 -3.11
CA GLU B 317 15.29 2.34 -3.41
C GLU B 317 16.02 2.64 -2.11
N MET B 318 17.36 2.63 -2.13
CA MET B 318 18.08 2.80 -0.89
C MET B 318 19.45 3.39 -1.17
N ARG B 319 19.96 4.16 -0.21
CA ARG B 319 21.37 4.53 -0.25
C ARG B 319 22.21 3.28 -0.29
N ILE B 320 23.38 3.38 -0.91
CA ILE B 320 24.42 2.38 -0.74
C ILE B 320 25.69 3.05 -0.24
N ASP B 321 26.42 2.32 0.61
CA ASP B 321 27.72 2.77 1.12
C ASP B 321 28.79 2.61 0.05
N GLU B 322 28.88 1.39 -0.54
CA GLU B 322 29.97 1.00 -1.44
C GLU B 322 29.53 0.31 -2.72
N HIS B 323 28.48 -0.52 -2.68
CA HIS B 323 28.31 -1.55 -3.71
C HIS B 323 26.83 -1.89 -3.89
N TYR B 324 26.41 -2.12 -5.13
CA TYR B 324 25.03 -2.56 -5.34
C TYR B 324 24.74 -3.94 -4.74
N TYR B 325 25.76 -4.74 -4.38
CA TYR B 325 25.45 -5.96 -3.62
C TYR B 325 24.70 -5.65 -2.33
N GLU B 326 24.82 -4.43 -1.79
CA GLU B 326 24.01 -4.05 -0.65
C GLU B 326 22.54 -4.07 -1.00
N VAL B 327 22.21 -3.69 -2.24
CA VAL B 327 20.82 -3.77 -2.72
C VAL B 327 20.42 -5.22 -2.94
N LEU B 328 21.28 -5.98 -3.61
CA LEU B 328 21.01 -7.39 -3.86
C LEU B 328 20.85 -8.16 -2.54
N ASP B 329 21.68 -7.86 -1.53
CA ASP B 329 21.51 -8.50 -0.22
C ASP B 329 20.08 -8.28 0.32
N VAL B 330 19.60 -7.04 0.26
CA VAL B 330 18.24 -6.74 0.72
C VAL B 330 17.23 -7.51 -0.11
N ALA B 331 17.37 -7.45 -1.44
CA ALA B 331 16.42 -8.13 -2.33
C ALA B 331 16.36 -9.64 -2.06
N GLU B 332 17.53 -10.29 -1.93
CA GLU B 332 17.52 -11.73 -1.65
C GLU B 332 16.87 -12.03 -0.30
N SER B 333 17.21 -11.25 0.73
CA SER B 333 16.61 -11.47 2.06
C SER B 333 15.11 -11.23 2.02
N LEU B 334 14.70 -10.22 1.26
CA LEU B 334 13.27 -9.94 1.10
C LEU B 334 12.53 -11.12 0.47
N PHE B 335 13.04 -11.61 -0.66
CA PHE B 335 12.42 -12.78 -1.28
C PHE B 335 12.45 -14.00 -0.38
N ASN B 336 13.56 -14.23 0.35
CA ASN B 336 13.61 -15.38 1.24
C ASN B 336 12.53 -15.27 2.31
N TYR B 337 12.40 -14.07 2.90
CA TYR B 337 11.37 -13.80 3.89
C TYR B 337 9.96 -14.07 3.33
N ILE B 338 9.68 -13.56 2.13
CA ILE B 338 8.35 -13.74 1.54
C ILE B 338 8.08 -15.22 1.29
N PHE B 339 9.05 -15.90 0.68
CA PHE B 339 8.86 -17.30 0.33
C PHE B 339 8.69 -18.17 1.57
N GLU B 340 9.47 -17.87 2.63
CA GLU B 340 9.33 -18.61 3.89
C GLU B 340 7.94 -18.45 4.49
N ARG B 341 7.39 -17.23 4.43
CA ARG B 341 6.08 -17.00 5.03
C ARG B 341 4.94 -17.49 4.14
N LEU B 342 5.06 -17.36 2.81
CA LEU B 342 4.04 -17.93 1.94
C LEU B 342 3.89 -19.43 2.18
N ALA B 343 5.02 -20.12 2.41
CA ALA B 343 4.99 -21.56 2.60
C ALA B 343 4.09 -21.99 3.75
N THR B 344 3.88 -21.12 4.75
CA THR B 344 3.03 -21.46 5.89
C THR B 344 1.54 -21.38 5.58
N HIS B 345 1.15 -20.86 4.44
CA HIS B 345 -0.26 -20.70 4.12
C HIS B 345 -0.77 -21.94 3.36
N THR B 346 -0.72 -23.07 4.06
CA THR B 346 -0.97 -24.35 3.42
C THR B 346 -2.41 -24.48 2.92
N LYS B 347 -3.37 -23.90 3.65
CA LYS B 347 -4.76 -23.95 3.19
C LYS B 347 -4.88 -23.34 1.80
N GLU B 348 -4.33 -22.14 1.62
CA GLU B 348 -4.44 -21.44 0.34
C GLU B 348 -3.66 -22.15 -0.75
N LEU B 349 -2.44 -22.59 -0.44
CA LEU B 349 -1.64 -23.32 -1.42
C LEU B 349 -2.35 -24.56 -1.94
N LYS B 350 -2.92 -25.37 -1.04
CA LYS B 350 -3.63 -26.56 -1.50
C LYS B 350 -4.86 -26.20 -2.31
N ASN B 351 -5.55 -25.12 -1.92
CA ASN B 351 -6.74 -24.71 -2.66
C ASN B 351 -6.39 -24.15 -4.04
N VAL B 352 -5.21 -23.57 -4.22
CA VAL B 352 -4.74 -23.30 -5.59
C VAL B 352 -4.39 -24.61 -6.29
N CYS B 353 -3.59 -25.45 -5.64
CA CYS B 353 -3.04 -26.64 -6.28
C CYS B 353 -4.13 -27.58 -6.79
N GLN B 354 -5.29 -27.64 -6.14
CA GLN B 354 -6.26 -28.65 -6.53
C GLN B 354 -6.84 -28.37 -7.91
N GLN B 355 -6.94 -27.10 -8.32
CA GLN B 355 -7.35 -26.76 -9.69
C GLN B 355 -6.16 -26.53 -10.63
N TYR B 356 -5.06 -25.99 -10.10
CA TYR B 356 -3.89 -25.59 -10.89
C TYR B 356 -2.66 -26.23 -10.27
N PRO B 357 -2.42 -27.51 -10.53
CA PRO B 357 -1.33 -28.22 -9.86
C PRO B 357 0.03 -27.58 -10.15
N PHE B 358 0.84 -27.48 -9.09
CA PHE B 358 2.20 -26.97 -9.21
C PHE B 358 3.10 -27.71 -8.24
N GLU B 359 4.35 -27.76 -8.58
CA GLU B 359 5.41 -28.19 -7.67
C GLU B 359 5.86 -27.01 -6.84
N PRO B 360 5.90 -27.16 -5.51
CA PRO B 360 6.30 -26.05 -4.64
C PRO B 360 7.66 -25.49 -5.04
N LEU B 361 7.72 -24.16 -5.03
CA LEU B 361 8.94 -23.49 -5.45
C LEU B 361 10.09 -23.91 -4.55
N VAL B 362 11.23 -24.23 -5.17
CA VAL B 362 12.49 -24.40 -4.46
C VAL B 362 13.34 -23.17 -4.74
N TRP B 363 13.75 -22.45 -3.69
CA TRP B 363 14.57 -21.27 -3.91
C TRP B 363 15.94 -21.35 -3.25
N LYS B 364 16.23 -22.44 -2.53
CA LYS B 364 17.50 -22.62 -1.84
C LYS B 364 18.24 -23.81 -2.43
N LEU B 365 19.54 -23.67 -2.66
CA LEU B 365 20.35 -24.85 -2.90
C LEU B 365 20.47 -25.67 -1.62
N THR B 366 20.67 -26.98 -1.79
CA THR B 366 21.02 -27.77 -0.62
C THR B 366 22.48 -27.55 -0.22
N PRO B 367 22.81 -27.69 1.07
CA PRO B 367 24.22 -27.66 1.46
C PRO B 367 25.04 -28.72 0.75
N GLU B 368 24.41 -29.86 0.47
CA GLU B 368 25.11 -30.95 -0.21
C GLU B 368 25.47 -30.57 -1.64
N ARG B 369 24.55 -29.92 -2.35
CA ARG B 369 24.83 -29.54 -3.73
C ARG B 369 25.89 -28.44 -3.78
N ILE B 370 25.83 -27.49 -2.85
CA ILE B 370 26.85 -26.45 -2.75
C ILE B 370 28.24 -27.07 -2.64
N LYS B 371 28.37 -28.07 -1.76
CA LYS B 371 29.67 -28.72 -1.55
C LYS B 371 30.09 -29.54 -2.77
N GLU B 372 29.18 -30.33 -3.34
CA GLU B 372 29.52 -31.19 -4.48
C GLU B 372 30.02 -30.38 -5.67
N LEU B 373 29.40 -29.24 -5.95
CA LEU B 373 29.70 -28.46 -7.15
C LEU B 373 30.77 -27.39 -6.92
N GLY B 374 31.14 -27.11 -5.69
CA GLY B 374 32.09 -26.04 -5.44
C GLY B 374 31.50 -24.65 -5.52
N VAL B 375 30.22 -24.50 -5.20
CA VAL B 375 29.58 -23.18 -5.19
C VAL B 375 30.25 -22.35 -4.11
N GLY B 376 30.57 -21.10 -4.43
CA GLY B 376 31.22 -20.24 -3.46
C GLY B 376 30.23 -19.71 -2.44
N VAL B 377 30.76 -19.21 -1.33
CA VAL B 377 29.96 -18.67 -0.23
C VAL B 377 30.54 -17.31 0.15
N ILE B 378 29.80 -16.24 -0.15
CA ILE B 378 30.36 -14.89 0.00
C ILE B 378 30.64 -14.57 1.46
N SER B 379 29.65 -14.79 2.33
CA SER B 379 29.79 -14.44 3.74
C SER B 379 30.89 -15.25 4.42
N GLU B 380 31.28 -16.38 3.84
CA GLU B 380 32.38 -17.19 4.38
C GLU B 380 33.70 -16.99 3.65
N GLY B 381 33.74 -16.11 2.65
CA GLY B 381 34.95 -15.92 1.87
C GLY B 381 35.37 -17.12 1.04
N VAL B 382 34.46 -18.05 0.78
CA VAL B 382 34.78 -19.26 0.02
C VAL B 382 34.69 -18.97 -1.47
N VAL B 383 35.83 -19.06 -2.17
CA VAL B 383 35.89 -18.80 -3.60
C VAL B 383 35.39 -20.03 -4.33
N PRO B 384 34.58 -19.88 -5.39
CA PRO B 384 34.04 -21.04 -6.06
C PRO B 384 35.08 -21.78 -6.87
N THR B 385 34.92 -23.10 -6.92
CA THR B 385 35.55 -23.96 -7.90
C THR B 385 34.56 -24.45 -8.96
N ASP B 386 33.27 -24.21 -8.74
CA ASP B 386 32.24 -24.52 -9.73
C ASP B 386 32.63 -23.97 -11.09
N LYS B 387 32.41 -24.79 -12.12
CA LYS B 387 32.80 -24.41 -13.48
C LYS B 387 32.16 -23.09 -13.90
N PHE B 388 30.91 -22.86 -13.51
CA PHE B 388 30.24 -21.61 -13.84
C PHE B 388 30.34 -20.59 -12.72
N GLN B 389 31.18 -20.88 -11.71
CA GLN B 389 31.57 -19.90 -10.70
C GLN B 389 30.37 -19.39 -9.91
N ALA B 390 29.39 -20.26 -9.72
CA ALA B 390 28.20 -19.85 -8.98
C ALA B 390 28.55 -19.62 -7.51
N ARG B 391 27.78 -18.73 -6.88
CA ARG B 391 27.98 -18.35 -5.47
C ARG B 391 26.62 -18.31 -4.77
N VAL B 392 26.63 -18.51 -3.45
CA VAL B 392 25.52 -18.05 -2.61
C VAL B 392 26.06 -17.06 -1.59
N HIS B 393 25.21 -16.15 -1.10
CA HIS B 393 25.71 -15.24 -0.08
C HIS B 393 26.01 -15.96 1.22
N ASN B 394 25.14 -16.88 1.64
CA ASN B 394 25.34 -17.54 2.92
C ASN B 394 24.66 -18.90 2.92
N MET B 395 24.97 -19.69 3.94
CA MET B 395 24.49 -21.05 4.04
C MET B 395 23.11 -21.11 4.69
N ASP B 396 22.52 -19.96 4.99
CA ASP B 396 21.18 -19.96 5.54
C ASP B 396 20.14 -19.80 4.44
N SER B 397 20.27 -18.75 3.62
CA SER B 397 19.34 -18.58 2.51
C SER B 397 19.76 -19.36 1.27
N ARG B 398 21.06 -19.57 1.09
CA ARG B 398 21.59 -20.43 0.02
C ARG B 398 20.99 -20.08 -1.35
N MET B 399 21.02 -18.80 -1.71
CA MET B 399 20.36 -18.36 -2.95
C MET B 399 21.40 -18.12 -4.06
N LEU B 400 21.19 -18.79 -5.20
CA LEU B 400 22.18 -18.86 -6.26
C LEU B 400 22.37 -17.54 -7.01
N ARG B 401 23.64 -17.18 -7.22
CA ARG B 401 24.07 -16.07 -8.05
C ARG B 401 25.03 -16.60 -9.11
N ILE B 402 24.78 -16.26 -10.38
CA ILE B 402 25.70 -16.60 -11.46
C ILE B 402 26.00 -15.33 -12.24
N ASN B 403 27.28 -15.06 -12.46
CA ASN B 403 27.67 -13.94 -13.29
C ASN B 403 27.10 -14.12 -14.69
N TYR B 404 26.77 -12.99 -15.33
CA TYR B 404 26.09 -13.00 -16.62
C TYR B 404 26.91 -13.75 -17.68
N MET B 405 28.22 -13.50 -17.71
CA MET B 405 29.06 -14.16 -18.70
C MET B 405 29.08 -15.67 -18.48
N HIS B 406 29.02 -16.13 -17.24
CA HIS B 406 28.93 -17.56 -17.00
C HIS B 406 27.54 -18.11 -17.31
N CYS B 407 26.50 -17.27 -17.18
CA CYS B 407 25.18 -17.66 -17.66
C CYS B 407 25.19 -17.92 -19.15
N ILE B 408 25.88 -17.06 -19.91
CA ILE B 408 26.06 -17.27 -21.35
C ILE B 408 26.81 -18.57 -21.60
N GLU B 409 27.87 -18.81 -20.84
CA GLU B 409 28.64 -20.04 -21.01
C GLU B 409 27.77 -21.25 -20.78
N LEU B 410 26.85 -21.17 -19.81
CA LEU B 410 25.98 -22.29 -19.52
C LEU B 410 24.98 -22.52 -20.65
N LEU B 411 24.33 -21.45 -21.11
CA LEU B 411 23.51 -21.57 -22.31
C LEU B 411 24.30 -22.15 -23.48
N ASN B 412 25.57 -21.74 -23.65
CA ASN B 412 26.32 -22.23 -24.80
C ASN B 412 26.59 -23.72 -24.76
N THR B 413 26.44 -24.38 -23.60
CA THR B 413 26.65 -25.83 -23.55
C THR B 413 25.62 -26.55 -24.38
N VAL B 414 24.42 -25.98 -24.54
CA VAL B 414 23.37 -26.64 -25.29
C VAL B 414 23.06 -25.96 -26.61
N LEU B 415 23.55 -24.74 -26.84
CA LEU B 415 23.24 -24.02 -28.06
C LEU B 415 24.19 -24.38 -29.19
N ASP B 416 23.63 -24.52 -30.40
CA ASP B 416 24.45 -24.70 -31.58
C ASP B 416 25.00 -23.39 -32.10
N GLU B 417 24.20 -22.32 -32.07
CA GLU B 417 24.67 -20.98 -32.42
C GLU B 417 25.10 -20.28 -31.13
N LYS B 418 26.41 -20.17 -30.92
CA LYS B 418 26.95 -19.70 -29.65
C LYS B 418 26.68 -18.22 -29.45
N MET B 419 26.48 -17.83 -28.19
CA MET B 419 26.29 -16.43 -27.84
C MET B 419 27.59 -15.80 -27.39
N ALA B 420 27.80 -14.54 -27.76
CA ALA B 420 28.91 -13.75 -27.25
C ALA B 420 28.59 -13.27 -25.82
N PRO B 421 29.63 -12.96 -25.03
CA PRO B 421 29.40 -12.60 -23.61
C PRO B 421 28.52 -11.38 -23.40
N THR B 422 28.38 -10.50 -24.39
CA THR B 422 27.55 -9.31 -24.28
C THR B 422 26.22 -9.45 -25.01
N ASP B 423 25.95 -10.60 -25.64
CA ASP B 423 24.67 -10.79 -26.28
C ASP B 423 23.55 -10.76 -25.24
N ASP B 424 22.36 -10.37 -25.69
CA ASP B 424 21.22 -10.28 -24.80
C ASP B 424 20.50 -11.62 -24.77
N ILE B 425 20.04 -12.01 -23.59
CA ILE B 425 19.28 -13.24 -23.40
C ILE B 425 17.80 -12.92 -23.54
N ASN B 426 17.16 -13.44 -24.61
CA ASN B 426 15.76 -13.16 -24.88
C ASN B 426 14.83 -13.99 -24.00
N THR B 427 13.58 -14.15 -24.37
CA THR B 427 12.67 -14.85 -23.46
C THR B 427 12.81 -16.37 -23.58
N THR B 428 12.99 -16.89 -24.79
CA THR B 428 13.19 -18.33 -24.93
C THR B 428 14.46 -18.78 -24.23
N ASN B 429 15.50 -17.95 -24.26
CA ASN B 429 16.76 -18.35 -23.66
C ASN B 429 16.78 -18.08 -22.15
N GLU B 430 15.90 -17.21 -21.65
CA GLU B 430 15.76 -17.12 -20.19
C GLU B 430 15.15 -18.40 -19.64
N LYS B 431 14.09 -18.90 -20.28
CA LYS B 431 13.50 -20.17 -19.86
C LYS B 431 14.49 -21.33 -19.98
N LEU B 432 15.29 -21.33 -21.06
CA LEU B 432 16.29 -22.39 -21.21
C LEU B 432 17.35 -22.30 -20.11
N LEU B 433 17.84 -21.10 -19.84
CA LEU B 433 18.77 -20.89 -18.71
C LEU B 433 18.15 -21.35 -17.40
N GLY B 434 16.90 -21.00 -17.14
CA GLY B 434 16.27 -21.45 -15.91
C GLY B 434 16.22 -22.96 -15.81
N LYS B 435 15.94 -23.64 -16.92
CA LYS B 435 15.91 -25.09 -16.92
C LYS B 435 17.31 -25.66 -16.66
N LEU B 436 18.33 -25.08 -17.28
CA LEU B 436 19.69 -25.56 -17.06
C LEU B 436 20.13 -25.33 -15.62
N VAL B 437 19.68 -24.22 -15.04
CA VAL B 437 20.00 -23.93 -13.64
C VAL B 437 19.31 -24.92 -12.72
N LYS B 438 18.03 -25.21 -13.00
CA LYS B 438 17.29 -26.17 -12.19
C LYS B 438 17.93 -27.55 -12.26
N GLU B 439 18.36 -27.96 -13.44
CA GLU B 439 18.95 -29.31 -13.59
C GLU B 439 20.31 -29.39 -12.93
N ARG B 440 21.14 -28.34 -13.02
CA ARG B 440 22.48 -28.42 -12.46
C ARG B 440 22.49 -28.17 -10.95
N TYR B 441 21.79 -27.11 -10.50
CA TYR B 441 21.86 -26.63 -9.12
C TYR B 441 20.64 -27.01 -8.28
N GLY B 442 19.54 -27.40 -8.91
CA GLY B 442 18.41 -27.86 -8.15
C GLY B 442 17.43 -26.79 -7.70
N THR B 443 17.55 -25.56 -8.21
CA THR B 443 16.77 -24.44 -7.69
C THR B 443 15.93 -23.81 -8.80
N ASP B 444 14.75 -23.32 -8.41
CA ASP B 444 13.85 -22.57 -9.27
C ASP B 444 14.07 -21.06 -9.22
N PHE B 445 15.01 -20.60 -8.40
CA PHE B 445 15.22 -19.17 -8.18
C PHE B 445 16.72 -18.89 -8.26
N PHE B 446 17.11 -17.88 -9.05
CA PHE B 446 18.51 -17.50 -9.09
C PHE B 446 18.64 -16.06 -9.58
N ILE B 447 19.84 -15.51 -9.40
CA ILE B 447 20.21 -14.16 -9.81
CA ILE B 447 20.15 -14.17 -9.86
C ILE B 447 21.28 -14.27 -10.89
N SER B 448 21.15 -13.45 -11.93
CA SER B 448 22.18 -13.30 -12.95
C SER B 448 22.76 -11.91 -12.74
N ASP B 449 24.07 -11.84 -12.55
CA ASP B 449 24.76 -10.65 -12.05
C ASP B 449 25.60 -10.02 -13.15
N ARG B 450 25.65 -8.69 -13.17
CA ARG B 450 26.47 -7.90 -14.10
C ARG B 450 25.97 -7.95 -15.53
N PHE B 451 24.80 -7.35 -15.78
CA PHE B 451 24.17 -7.37 -17.10
C PHE B 451 24.89 -6.46 -18.09
N PRO B 452 24.85 -6.80 -19.37
CA PRO B 452 25.46 -5.94 -20.39
C PRO B 452 24.83 -4.55 -20.41
N SER B 453 25.68 -3.56 -20.73
CA SER B 453 25.24 -2.17 -20.76
C SER B 453 24.15 -1.95 -21.79
N SER B 454 24.22 -2.65 -22.92
CA SER B 454 23.25 -2.46 -23.99
C SER B 454 21.85 -2.81 -23.54
N ALA B 455 21.73 -3.69 -22.54
CA ALA B 455 20.43 -4.20 -22.10
C ALA B 455 19.83 -3.41 -20.93
N ARG B 456 20.40 -2.28 -20.55
CA ARG B 456 19.99 -1.62 -19.32
C ARG B 456 19.64 -0.16 -19.56
N PRO B 457 18.75 0.41 -18.74
CA PRO B 457 18.33 1.81 -18.94
C PRO B 457 19.46 2.81 -18.69
N PHE B 458 19.17 4.07 -19.05
CA PHE B 458 20.19 5.12 -19.04
C PHE B 458 20.67 5.45 -17.63
N TYR B 459 19.88 5.14 -16.59
CA TYR B 459 20.23 5.49 -15.22
C TYR B 459 21.05 4.40 -14.53
N THR B 460 21.50 3.35 -15.27
CA THR B 460 22.24 2.25 -14.67
C THR B 460 23.74 2.55 -14.66
N MET B 461 24.34 2.45 -13.48
CA MET B 461 25.78 2.63 -13.33
C MET B 461 26.55 1.54 -14.07
N GLU B 462 27.47 1.95 -14.95
CA GLU B 462 28.37 1.02 -15.63
C GLU B 462 29.47 0.54 -14.69
N CYS B 463 30.04 -0.64 -15.01
CA CYS B 463 31.14 -1.19 -14.23
C CYS B 463 32.40 -0.38 -14.48
N LYS B 464 33.18 -0.12 -13.42
CA LYS B 464 34.38 0.70 -13.57
C LYS B 464 35.43 0.01 -14.43
N ASP B 465 35.52 -1.31 -14.32
CA ASP B 465 36.56 -2.07 -15.01
C ASP B 465 36.20 -2.38 -16.46
N ASP B 466 34.93 -2.29 -16.85
CA ASP B 466 34.48 -2.77 -18.16
C ASP B 466 33.11 -2.16 -18.43
N VAL B 467 33.06 -1.05 -19.18
CA VAL B 467 31.78 -0.36 -19.32
C VAL B 467 30.87 -1.10 -20.29
N ARG B 468 31.32 -2.25 -20.82
CA ARG B 468 30.40 -3.13 -21.53
C ARG B 468 29.34 -3.73 -20.60
N PHE B 469 29.58 -3.68 -19.30
CA PHE B 469 28.70 -4.29 -18.30
C PHE B 469 28.31 -3.24 -17.26
N THR B 470 27.34 -3.58 -16.43
CA THR B 470 26.75 -2.63 -15.49
C THR B 470 26.65 -3.24 -14.12
N ASN B 471 26.50 -2.35 -13.13
CA ASN B 471 26.36 -2.71 -11.73
C ASN B 471 24.89 -3.06 -11.46
N SER B 472 24.47 -4.20 -12.02
CA SER B 472 23.06 -4.56 -12.04
C SER B 472 22.89 -6.08 -12.10
N TYR B 473 21.66 -6.54 -11.81
CA TYR B 473 21.37 -7.97 -11.81
C TYR B 473 19.91 -8.17 -12.16
N ASP B 474 19.54 -9.39 -12.59
CA ASP B 474 18.15 -9.79 -12.73
C ASP B 474 17.89 -10.99 -11.84
N MET B 475 16.67 -11.10 -11.32
CA MET B 475 16.23 -12.30 -10.62
C MET B 475 15.23 -13.06 -11.47
N PHE B 476 15.26 -14.39 -11.35
CA PHE B 476 14.43 -15.29 -12.13
C PHE B 476 13.71 -16.29 -11.23
N ILE B 477 12.43 -16.49 -11.49
CA ILE B 477 11.62 -17.51 -10.81
C ILE B 477 11.07 -18.44 -11.90
N ARG B 478 11.34 -19.74 -11.77
CA ARG B 478 10.91 -20.71 -12.76
C ARG B 478 11.31 -20.29 -14.17
N GLY B 479 12.52 -19.73 -14.30
CA GLY B 479 13.01 -19.39 -15.60
C GLY B 479 12.45 -18.13 -16.23
N GLU B 480 11.76 -17.29 -15.45
CA GLU B 480 11.18 -16.05 -15.97
C GLU B 480 11.62 -14.89 -15.09
N GLU B 481 11.93 -13.78 -15.73
CA GLU B 481 12.46 -12.63 -15.00
C GLU B 481 11.39 -12.02 -14.10
N ILE B 482 11.77 -11.71 -12.86
CA ILE B 482 10.83 -11.16 -11.88
C ILE B 482 11.30 -9.82 -11.29
N SER B 483 12.59 -9.52 -11.30
CA SER B 483 13.03 -8.26 -10.74
C SER B 483 14.41 -7.93 -11.27
N SER B 484 14.62 -6.67 -11.62
CA SER B 484 15.94 -6.12 -11.95
C SER B 484 16.34 -5.13 -10.88
N GLY B 485 17.60 -5.17 -10.45
CA GLY B 485 18.11 -4.22 -9.51
C GLY B 485 19.45 -3.68 -9.97
N ALA B 486 19.82 -2.51 -9.45
CA ALA B 486 21.06 -1.90 -9.93
C ALA B 486 21.44 -0.75 -9.03
N GLN B 487 22.74 -0.42 -9.04
CA GLN B 487 23.18 0.92 -8.66
C GLN B 487 22.80 1.92 -9.75
N ARG B 488 22.32 3.11 -9.34
CA ARG B 488 22.02 4.17 -10.28
C ARG B 488 23.21 5.10 -10.45
N ILE B 489 23.17 5.89 -11.52
CA ILE B 489 24.17 6.95 -11.73
C ILE B 489 23.73 8.17 -10.93
N HIS B 490 24.46 8.48 -9.86
CA HIS B 490 24.08 9.61 -9.00
C HIS B 490 24.83 10.90 -9.37
N ASP B 491 25.67 10.86 -10.41
CA ASP B 491 26.36 12.04 -10.91
C ASP B 491 25.62 12.59 -12.13
N PRO B 492 25.24 13.87 -12.14
CA PRO B 492 24.48 14.41 -13.29
C PRO B 492 25.23 14.32 -14.62
N ASP B 493 26.54 14.58 -14.63
CA ASP B 493 27.25 14.59 -15.90
C ASP B 493 27.34 13.18 -16.49
N LEU B 494 27.63 12.18 -15.65
CA LEU B 494 27.68 10.82 -16.19
C LEU B 494 26.30 10.31 -16.53
N LEU B 495 25.27 10.78 -15.80
CA LEU B 495 23.91 10.40 -16.13
C LEU B 495 23.51 10.93 -17.51
N LEU B 496 23.81 12.19 -17.79
CA LEU B 496 23.56 12.70 -19.14
C LEU B 496 24.43 12.00 -20.19
N ALA B 497 25.67 11.66 -19.84
CA ALA B 497 26.55 10.98 -20.80
C ALA B 497 25.99 9.63 -21.19
N ARG B 498 25.48 8.86 -20.23
CA ARG B 498 24.94 7.56 -20.60
C ARG B 498 23.68 7.75 -21.44
N ALA B 499 22.85 8.74 -21.08
CA ALA B 499 21.64 9.01 -21.85
C ALA B 499 21.98 9.38 -23.29
N LYS B 500 22.95 10.26 -23.47
CA LYS B 500 23.35 10.63 -24.83
C LYS B 500 23.87 9.41 -25.58
N MET B 501 24.66 8.57 -24.92
CA MET B 501 25.14 7.35 -25.55
C MET B 501 23.98 6.47 -26.01
N LEU B 502 22.92 6.41 -25.21
CA LEU B 502 21.76 5.61 -25.51
C LEU B 502 20.74 6.33 -26.39
N ASN B 503 21.12 7.50 -26.93
CA ASN B 503 20.23 8.37 -27.69
C ASN B 503 18.88 8.52 -27.00
N VAL B 504 18.92 8.72 -25.69
CA VAL B 504 17.76 9.07 -24.90
C VAL B 504 17.85 10.56 -24.56
N ASP B 505 16.79 11.30 -24.83
CA ASP B 505 16.79 12.74 -24.58
C ASP B 505 16.19 12.99 -23.19
N LEU B 506 16.99 13.49 -22.27
CA LEU B 506 16.51 13.77 -20.91
C LEU B 506 15.93 15.18 -20.77
N THR B 507 15.84 15.94 -21.85
CA THR B 507 15.22 17.26 -21.77
C THR B 507 13.82 17.21 -21.14
N PRO B 508 12.95 16.24 -21.42
CA PRO B 508 11.65 16.21 -20.75
C PRO B 508 11.70 15.94 -19.26
N ILE B 509 12.80 15.40 -18.73
CA ILE B 509 12.89 15.11 -17.29
C ILE B 509 14.04 15.90 -16.68
N LYS B 510 14.03 17.21 -16.92
CA LYS B 510 15.04 18.10 -16.38
C LYS B 510 15.06 18.06 -14.85
N GLU B 511 13.88 17.98 -14.21
CA GLU B 511 13.85 18.04 -12.74
C GLU B 511 14.54 16.83 -12.13
N TYR B 512 14.34 15.64 -12.72
CA TYR B 512 15.05 14.45 -12.25
C TYR B 512 16.56 14.66 -12.29
N VAL B 513 17.08 15.15 -13.42
CA VAL B 513 18.52 15.37 -13.51
C VAL B 513 18.96 16.41 -12.49
N ASP B 514 18.20 17.51 -12.38
CA ASP B 514 18.52 18.57 -11.41
C ASP B 514 18.58 18.04 -9.99
N SER B 515 17.75 17.04 -9.65
CA SER B 515 17.72 16.54 -8.28
C SER B 515 19.05 15.93 -7.82
N PHE B 516 19.96 15.62 -8.75
CA PHE B 516 21.29 15.13 -8.40
C PHE B 516 22.33 16.23 -8.29
N ARG B 517 21.95 17.50 -8.47
CA ARG B 517 22.97 18.53 -8.61
C ARG B 517 23.34 19.21 -7.30
N LEU B 518 22.56 19.02 -6.24
CA LEU B 518 22.77 19.68 -4.96
C LEU B 518 23.32 18.69 -3.94
N GLY B 519 24.27 17.86 -4.37
CA GLY B 519 24.77 16.78 -3.55
C GLY B 519 23.86 15.57 -3.66
N ALA B 520 24.44 14.40 -3.97
CA ALA B 520 23.64 13.21 -4.16
C ALA B 520 24.27 12.05 -3.41
N TRP B 521 23.42 11.18 -2.91
CA TRP B 521 23.86 9.96 -2.25
C TRP B 521 24.01 8.85 -3.29
N PRO B 522 25.09 8.05 -3.25
CA PRO B 522 25.10 6.82 -4.03
C PRO B 522 23.89 5.98 -3.60
N HIS B 523 23.25 5.33 -4.57
CA HIS B 523 22.01 4.61 -4.28
C HIS B 523 21.72 3.59 -5.37
N GLY B 524 20.75 2.72 -5.07
CA GLY B 524 20.28 1.70 -5.99
C GLY B 524 18.94 1.17 -5.53
N GLY B 525 18.39 0.24 -6.29
CA GLY B 525 17.07 -0.28 -5.92
C GLY B 525 16.62 -1.33 -6.92
N PHE B 526 15.34 -1.70 -6.81
CA PHE B 526 14.76 -2.75 -7.62
C PHE B 526 13.24 -2.63 -7.59
N GLY B 527 12.58 -3.32 -8.51
CA GLY B 527 11.13 -3.34 -8.55
C GLY B 527 10.66 -4.75 -8.86
N ILE B 528 9.41 -5.03 -8.47
CA ILE B 528 8.82 -6.36 -8.57
C ILE B 528 7.39 -6.20 -9.02
N GLY B 529 6.97 -6.95 -10.04
CA GLY B 529 5.55 -6.97 -10.39
C GLY B 529 4.76 -7.88 -9.46
N LEU B 530 3.74 -7.35 -8.77
CA LEU B 530 3.04 -8.17 -7.77
C LEU B 530 2.30 -9.35 -8.41
N GLU B 531 1.49 -9.09 -9.43
CA GLU B 531 0.71 -10.16 -10.07
C GLU B 531 1.66 -11.21 -10.64
N ARG B 532 2.74 -10.76 -11.25
CA ARG B 532 3.73 -11.66 -11.84
C ARG B 532 4.41 -12.53 -10.78
N VAL B 533 4.79 -11.96 -9.63
CA VAL B 533 5.42 -12.83 -8.63
C VAL B 533 4.42 -13.86 -8.11
N VAL B 534 3.14 -13.50 -7.97
CA VAL B 534 2.15 -14.51 -7.58
C VAL B 534 2.02 -15.58 -8.66
N MET B 535 1.97 -15.15 -9.92
CA MET B 535 1.83 -16.09 -11.03
C MET B 535 3.00 -17.07 -11.06
N LEU B 536 4.22 -16.56 -10.96
CA LEU B 536 5.38 -17.44 -11.08
C LEU B 536 5.56 -18.29 -9.83
N TYR B 537 5.31 -17.74 -8.65
CA TYR B 537 5.39 -18.55 -7.43
C TYR B 537 4.43 -19.74 -7.49
N LEU B 538 3.19 -19.52 -7.96
CA LEU B 538 2.21 -20.59 -8.04
C LEU B 538 2.30 -21.38 -9.34
N GLY B 539 3.17 -21.00 -10.28
CA GLY B 539 3.25 -21.71 -11.55
C GLY B 539 2.00 -21.55 -12.42
N LEU B 540 1.30 -20.43 -12.31
CA LEU B 540 0.07 -20.23 -13.08
C LEU B 540 0.35 -19.96 -14.56
N SER B 541 -0.65 -20.28 -15.40
CA SER B 541 -0.45 -20.22 -16.84
C SER B 541 -0.69 -18.83 -17.44
N ASN B 542 -1.33 -17.93 -16.70
CA ASN B 542 -1.75 -16.65 -17.25
C ASN B 542 -1.79 -15.62 -16.13
N VAL B 543 -1.18 -14.46 -16.37
CA VAL B 543 -1.01 -13.48 -15.29
C VAL B 543 -2.36 -12.88 -14.89
N ARG B 544 -3.35 -12.98 -15.78
CA ARG B 544 -4.70 -12.53 -15.47
C ARG B 544 -5.35 -13.33 -14.34
N LEU B 545 -4.87 -14.52 -14.03
CA LEU B 545 -5.43 -15.25 -12.91
C LEU B 545 -5.08 -14.61 -11.58
N ALA B 546 -4.11 -13.70 -11.59
CA ALA B 546 -3.57 -13.07 -10.40
C ALA B 546 -3.77 -11.56 -10.44
N SER B 547 -4.63 -11.06 -11.34
CA SER B 547 -5.03 -9.65 -11.34
C SER B 547 -6.54 -9.57 -11.21
N LEU B 548 -7.03 -8.86 -10.18
CA LEU B 548 -8.45 -8.91 -9.83
C LEU B 548 -9.33 -8.55 -11.03
N PHE B 549 -9.10 -7.38 -11.62
CA PHE B 549 -9.86 -6.90 -12.78
C PHE B 549 -8.83 -6.52 -13.83
N PRO B 550 -8.38 -7.47 -14.65
CA PRO B 550 -7.16 -7.25 -15.44
C PRO B 550 -7.36 -6.17 -16.51
N ARG B 551 -6.24 -5.56 -16.89
CA ARG B 551 -6.17 -4.58 -17.97
C ARG B 551 -5.15 -5.06 -18.98
N ASP B 552 -5.54 -5.10 -20.26
CA ASP B 552 -4.59 -5.43 -21.31
C ASP B 552 -5.07 -4.65 -22.54
N PRO B 553 -4.35 -4.67 -23.67
CA PRO B 553 -4.76 -3.81 -24.80
C PRO B 553 -6.19 -4.04 -25.27
N GLN B 554 -6.78 -5.21 -25.00
CA GLN B 554 -8.13 -5.52 -25.45
C GLN B 554 -9.16 -5.47 -24.32
N ARG B 555 -8.74 -5.24 -23.07
CA ARG B 555 -9.66 -5.36 -21.94
C ARG B 555 -9.58 -4.12 -21.07
N THR B 556 -10.71 -3.42 -20.95
CA THR B 556 -10.88 -2.31 -20.02
C THR B 556 -12.07 -2.48 -19.09
N THR B 557 -12.71 -3.64 -19.10
CA THR B 557 -13.87 -3.94 -18.28
C THR B 557 -13.74 -5.35 -17.74
N PRO B 558 -14.40 -5.66 -16.61
CA PRO B 558 -15.04 -4.76 -15.64
C PRO B 558 -14.04 -3.77 -15.07
C1 EDO C . -35.62 5.79 -4.41
O1 EDO C . -34.24 5.77 -4.06
C2 EDO C . -36.47 5.31 -3.23
O2 EDO C . -36.74 6.39 -2.34
C1 EDO D . -10.89 8.28 -0.22
O1 EDO D . -11.80 9.30 -0.64
C2 EDO D . -10.22 7.76 -1.46
O2 EDO D . -11.13 6.95 -2.20
C1 EDO E . -26.03 9.49 16.72
O1 EDO E . -25.21 8.34 16.56
C2 EDO E . -25.67 10.22 18.02
O2 EDO E . -26.43 9.69 19.12
C1 EDO F . -34.64 2.19 -0.58
O1 EDO F . -35.19 3.34 0.10
C2 EDO F . -33.16 2.04 -0.23
O2 EDO F . -32.45 3.25 -0.49
C1 EDO G . -15.01 3.40 -10.94
O1 EDO G . -14.90 4.79 -10.57
C2 EDO G . -14.19 2.54 -9.97
O2 EDO G . -14.62 2.72 -8.60
C1 EDO H . -15.05 2.96 18.73
O1 EDO H . -14.17 2.22 19.60
C2 EDO H . -16.25 2.11 18.32
O2 EDO H . -15.83 0.77 18.04
C1 EDO I . 1.53 2.22 20.56
O1 EDO I . 1.50 0.92 21.18
C2 EDO I . 0.88 3.24 21.49
O2 EDO I . -0.27 2.67 22.10
C1 EDO J . -29.18 32.68 17.91
O1 EDO J . -30.60 32.84 18.03
C2 EDO J . -28.57 33.86 17.17
O2 EDO J . -29.61 34.54 16.44
C1 EDO K . -12.61 22.66 15.42
O1 EDO K . -12.31 24.03 15.71
C2 EDO K . -11.97 21.76 16.44
O2 EDO K . -10.56 21.63 16.19
C FMT L . -17.92 -0.93 -13.46
O1 FMT L . -16.94 -1.69 -13.48
O2 FMT L . -19.01 -1.13 -14.04
C1 EDO M . 28.81 6.60 -21.30
O1 EDO M . 27.80 6.00 -20.49
C2 EDO M . 30.19 6.38 -20.68
O2 EDO M . 30.55 4.99 -20.73
C1 EDO N . 7.92 -3.16 -11.82
O1 EDO N . 9.35 -3.30 -11.82
C2 EDO N . 7.53 -2.39 -10.58
O2 EDO N . 7.67 -0.99 -10.78
C1 EDO O . 28.10 -13.42 -9.19
O1 EDO O . 28.05 -12.94 -7.84
C2 EDO O . 28.08 -14.94 -9.19
O2 EDO O . 29.17 -15.47 -8.43
C1 EDO P . 30.37 5.68 -16.00
O1 EDO P . 31.04 4.66 -16.76
C2 EDO P . 29.29 5.09 -15.09
O2 EDO P . 28.12 4.77 -15.85
C1 EDO Q . 20.85 -13.36 1.07
O1 EDO Q . 20.30 -13.63 2.39
C2 EDO Q . 21.70 -12.09 1.09
O2 EDO Q . 21.40 -11.32 2.27
C1 EDO R . 6.96 -17.09 9.87
O1 EDO R . 8.08 -16.95 10.75
C2 EDO R . 7.22 -18.28 8.97
O2 EDO R . 8.61 -18.31 8.63
C1 EDO S . 26.58 -28.91 -28.65
O1 EDO S . 27.15 -27.69 -28.18
C2 EDO S . 25.06 -28.77 -28.76
O2 EDO S . 24.74 -27.61 -29.55
C1 EDO T . 13.25 -24.16 -14.42
O1 EDO T . 12.02 -24.35 -15.12
C2 EDO T . 12.98 -23.44 -13.11
O2 EDO T . 11.87 -24.05 -12.45
C FMT U . 10.96 14.42 -13.81
C FMT U . 10.82 15.12 -13.39
O1 FMT U . 10.41 14.53 -12.70
O1 FMT U . 10.44 14.03 -12.95
O2 FMT U . 11.77 15.22 -14.29
O2 FMT U . 11.70 15.28 -14.25
#